data_5XO1
#
_entry.id   5XO1
#
_cell.length_a   143.854
_cell.length_b   174.005
_cell.length_c   49.558
_cell.angle_alpha   90.00
_cell.angle_beta   90.00
_cell.angle_gamma   90.00
#
_symmetry.space_group_name_H-M   'P 21 21 2'
#
loop_
_entity.id
_entity.type
_entity.pdbx_description
1 polymer 'Isochorismate lyase'
2 water water
#
_entity_poly.entity_id   1
_entity_poly.type   'polypeptide(L)'
_entity_poly.pdbx_seq_one_letter_code
;GAMAIPKIASYSIPLAETFPKNKVHWHVQADRAVLLIHDMQKYFINFFDHSQAPVPELLANISELKSLARQANIPVVYTA
QPPNQDPIERALLTDFWGTGLTKDTEIVSELSPEDGDIQYTKWRYSAFKKTPLLERMKETQRDQLIIVGVYAHIGILSTA
LDAFMLDIQPFVVGDAVADFSLEDHHHTLKYITERVGCVTSLEALKPQMIHSQETRLLS
;
_entity_poly.pdbx_strand_id   A,B,C,D,E,F
#
# COMPACT_ATOMS: atom_id res chain seq x y z
N LYS A 7 7.90 35.58 -18.47
CA LYS A 7 9.19 36.29 -18.52
C LYS A 7 9.25 37.23 -17.32
N ILE A 8 10.21 37.00 -16.44
CA ILE A 8 10.38 37.77 -15.22
C ILE A 8 11.16 39.03 -15.52
N ALA A 9 10.57 40.20 -15.17
CA ALA A 9 11.19 41.52 -15.36
C ALA A 9 12.33 41.67 -14.37
N SER A 10 13.39 42.37 -14.79
CA SER A 10 14.57 42.59 -13.96
C SER A 10 14.29 43.33 -12.66
N TYR A 11 14.89 42.84 -11.53
CA TYR A 11 14.77 43.51 -10.24
C TYR A 11 15.98 43.24 -9.31
N SER A 12 16.26 44.14 -8.38
CA SER A 12 17.37 44.00 -7.45
C SER A 12 16.94 43.24 -6.22
N ILE A 13 17.79 42.27 -5.80
CA ILE A 13 17.57 41.49 -4.57
C ILE A 13 17.51 42.53 -3.42
N PRO A 14 16.48 42.49 -2.53
CA PRO A 14 16.44 43.47 -1.43
C PRO A 14 17.61 43.36 -0.46
N LEU A 15 17.96 44.49 0.18
CA LEU A 15 19.05 44.56 1.15
C LEU A 15 18.58 44.05 2.49
N ALA A 16 19.48 43.34 3.21
CA ALA A 16 19.22 42.73 4.53
C ALA A 16 18.53 43.70 5.54
N GLU A 17 18.84 45.00 5.45
CA GLU A 17 18.27 46.07 6.29
C GLU A 17 16.75 46.26 6.04
N THR A 18 16.27 45.87 4.85
CA THR A 18 14.85 45.94 4.50
C THR A 18 14.10 44.65 4.91
N PHE A 19 14.83 43.55 5.25
CA PHE A 19 14.21 42.27 5.61
C PHE A 19 13.33 42.41 6.86
N PRO A 20 12.20 41.68 6.95
CA PRO A 20 11.37 41.78 8.17
C PRO A 20 12.07 41.15 9.37
N LYS A 21 11.76 41.62 10.58
CA LYS A 21 12.36 41.09 11.81
C LYS A 21 11.82 39.70 12.12
N ASN A 22 12.74 38.80 12.50
CA ASN A 22 12.42 37.42 12.89
C ASN A 22 11.70 37.37 14.23
N LYS A 23 10.66 36.54 14.31
CA LYS A 23 9.85 36.30 15.50
C LYS A 23 10.61 35.28 16.35
N VAL A 24 11.26 34.30 15.68
CA VAL A 24 12.02 33.22 16.30
C VAL A 24 13.51 33.57 16.40
N HIS A 25 14.18 32.97 17.40
CA HIS A 25 15.58 33.26 17.60
C HIS A 25 16.44 32.01 17.39
N TRP A 26 16.28 31.39 16.22
CA TRP A 26 17.04 30.21 15.83
C TRP A 26 18.39 30.58 15.25
N HIS A 27 19.33 29.66 15.37
CA HIS A 27 20.68 29.81 14.84
C HIS A 27 21.11 28.50 14.23
N VAL A 28 21.72 28.58 13.04
CA VAL A 28 22.25 27.44 12.31
C VAL A 28 23.42 26.84 13.06
N GLN A 29 23.38 25.52 13.27
CA GLN A 29 24.44 24.72 13.86
C GLN A 29 24.82 23.69 12.80
N ALA A 30 26.08 23.73 12.34
CA ALA A 30 26.65 22.88 11.29
C ALA A 30 26.30 21.38 11.43
N ASP A 31 26.34 20.83 12.66
CA ASP A 31 26.03 19.43 12.97
C ASP A 31 24.54 19.08 12.74
N ARG A 32 23.65 20.09 12.71
CA ARG A 32 22.21 19.90 12.56
C ARG A 32 21.66 20.32 11.19
N ALA A 33 22.47 21.00 10.37
CA ALA A 33 21.99 21.64 9.13
C ALA A 33 22.24 20.88 7.81
N VAL A 34 21.37 21.19 6.84
CA VAL A 34 21.42 20.73 5.44
C VAL A 34 21.22 21.98 4.57
N LEU A 35 22.04 22.16 3.54
CA LEU A 35 21.86 23.25 2.59
C LEU A 35 21.03 22.71 1.38
N LEU A 36 19.88 23.31 1.14
CA LEU A 36 19.03 22.93 0.03
C LEU A 36 19.11 23.99 -1.07
N ILE A 37 19.66 23.59 -2.22
CA ILE A 37 19.73 24.47 -3.41
C ILE A 37 18.50 24.08 -4.24
N HIS A 38 17.44 24.88 -4.08
CA HIS A 38 16.12 24.62 -4.63
C HIS A 38 15.90 25.06 -6.09
N ASP A 39 15.71 24.06 -6.98
CA ASP A 39 15.35 24.18 -8.39
C ASP A 39 16.22 25.17 -9.18
N MET A 40 17.52 25.13 -8.99
CA MET A 40 18.45 26.02 -9.69
C MET A 40 18.84 25.43 -11.04
N GLN A 41 17.81 25.04 -11.80
CA GLN A 41 17.93 24.43 -13.13
C GLN A 41 17.89 25.51 -14.16
N LYS A 42 18.58 25.29 -15.28
CA LYS A 42 18.63 26.25 -16.40
C LYS A 42 17.24 26.63 -16.88
N TYR A 43 16.28 25.67 -16.89
CA TYR A 43 14.89 25.89 -17.29
C TYR A 43 14.22 27.02 -16.49
N PHE A 44 14.33 26.98 -15.15
CA PHE A 44 13.74 27.99 -14.28
C PHE A 44 14.47 29.32 -14.31
N ILE A 45 15.80 29.31 -14.43
CA ILE A 45 16.61 30.55 -14.48
C ILE A 45 16.44 31.24 -15.86
N ASN A 46 16.04 30.50 -16.91
CA ASN A 46 15.80 31.01 -18.27
C ASN A 46 14.64 31.97 -18.35
N PHE A 47 13.73 31.96 -17.35
CA PHE A 47 12.58 32.88 -17.34
C PHE A 47 13.00 34.32 -17.03
N PHE A 48 14.20 34.49 -16.47
CA PHE A 48 14.83 35.77 -16.18
C PHE A 48 15.83 36.05 -17.29
N ASP A 49 16.28 37.31 -17.38
CA ASP A 49 17.39 37.64 -18.26
C ASP A 49 18.59 37.40 -17.32
N HIS A 50 19.33 36.28 -17.55
CA HIS A 50 20.48 35.78 -16.79
C HIS A 50 21.56 36.82 -16.47
N SER A 51 21.84 37.72 -17.43
CA SER A 51 22.81 38.79 -17.33
C SER A 51 22.32 39.98 -16.49
N GLN A 52 21.01 39.97 -16.14
CA GLN A 52 20.35 41.03 -15.38
C GLN A 52 19.93 40.59 -13.96
N ALA A 53 19.86 41.56 -13.04
CA ALA A 53 19.43 41.42 -11.64
C ALA A 53 18.04 40.77 -11.63
N PRO A 54 17.73 39.80 -10.74
CA PRO A 54 18.50 39.35 -9.57
C PRO A 54 19.46 38.17 -9.78
N VAL A 55 19.66 37.72 -11.03
CA VAL A 55 20.39 36.49 -11.34
C VAL A 55 21.93 36.54 -11.01
N PRO A 56 22.74 37.58 -11.35
CA PRO A 56 24.17 37.55 -10.95
C PRO A 56 24.40 37.49 -9.43
N GLU A 57 23.64 38.27 -8.65
CA GLU A 57 23.78 38.30 -7.20
C GLU A 57 23.32 36.97 -6.61
N LEU A 58 22.22 36.40 -7.14
CA LEU A 58 21.65 35.10 -6.72
C LEU A 58 22.69 34.00 -6.87
N LEU A 59 23.33 33.92 -8.07
CA LEU A 59 24.36 32.89 -8.35
C LEU A 59 25.60 33.06 -7.49
N ALA A 60 26.08 34.31 -7.30
CA ALA A 60 27.27 34.60 -6.49
C ALA A 60 27.04 34.26 -5.00
N ASN A 61 25.86 34.64 -4.46
CA ASN A 61 25.50 34.36 -3.07
C ASN A 61 25.30 32.86 -2.79
N ILE A 62 24.65 32.11 -3.71
CA ILE A 62 24.47 30.66 -3.53
C ILE A 62 25.84 29.97 -3.62
N SER A 63 26.68 30.39 -4.57
CA SER A 63 28.04 29.83 -4.77
C SER A 63 28.87 30.00 -3.49
N GLU A 64 28.84 31.21 -2.87
CA GLU A 64 29.57 31.50 -1.64
C GLU A 64 29.09 30.63 -0.45
N LEU A 65 27.77 30.52 -0.30
CA LEU A 65 27.10 29.75 0.74
C LEU A 65 27.40 28.26 0.58
N LYS A 66 27.38 27.74 -0.67
CA LYS A 66 27.68 26.34 -0.98
C LYS A 66 29.12 25.97 -0.56
N SER A 67 30.09 26.85 -0.86
CA SER A 67 31.50 26.69 -0.48
C SER A 67 31.64 26.60 1.05
N LEU A 68 30.96 27.51 1.79
CA LEU A 68 30.92 27.58 3.24
C LEU A 68 30.37 26.27 3.82
N ALA A 69 29.27 25.74 3.22
CA ALA A 69 28.62 24.48 3.63
C ALA A 69 29.58 23.31 3.51
N ARG A 70 30.31 23.23 2.39
CA ARG A 70 31.30 22.17 2.13
C ARG A 70 32.44 22.20 3.15
N GLN A 71 32.90 23.41 3.51
CA GLN A 71 33.96 23.65 4.51
C GLN A 71 33.49 23.26 5.91
N ALA A 72 32.20 23.49 6.21
CA ALA A 72 31.60 23.21 7.50
C ALA A 72 31.07 21.77 7.63
N ASN A 73 31.19 20.95 6.55
CA ASN A 73 30.73 19.55 6.49
C ASN A 73 29.18 19.49 6.53
N ILE A 74 28.55 20.48 5.93
CA ILE A 74 27.10 20.55 5.85
C ILE A 74 26.65 19.91 4.54
N PRO A 75 25.85 18.84 4.60
CA PRO A 75 25.38 18.22 3.34
C PRO A 75 24.69 19.21 2.39
N VAL A 76 25.03 19.12 1.12
CA VAL A 76 24.45 19.95 0.06
C VAL A 76 23.50 19.07 -0.75
N VAL A 77 22.24 19.49 -0.84
CA VAL A 77 21.18 18.78 -1.55
C VAL A 77 20.59 19.72 -2.62
N TYR A 78 20.56 19.24 -3.86
CA TYR A 78 19.98 19.98 -4.98
C TYR A 78 18.63 19.33 -5.30
N THR A 79 17.64 20.15 -5.70
CA THR A 79 16.35 19.62 -6.18
C THR A 79 16.27 19.98 -7.65
N ALA A 80 15.67 19.08 -8.44
CA ALA A 80 15.52 19.27 -9.87
C ALA A 80 14.30 18.56 -10.39
N GLN A 81 13.48 19.26 -11.18
CA GLN A 81 12.32 18.68 -11.83
C GLN A 81 12.78 17.81 -13.00
N PRO A 82 12.21 16.61 -13.19
CA PRO A 82 12.61 15.80 -14.34
C PRO A 82 11.90 16.20 -15.65
N PRO A 83 12.50 15.93 -16.85
CA PRO A 83 11.80 16.27 -18.11
C PRO A 83 10.74 15.23 -18.50
N ASN A 84 9.83 15.60 -19.43
CA ASN A 84 8.78 14.74 -20.01
C ASN A 84 8.06 13.92 -18.96
N GLN A 85 7.48 14.62 -18.02
CA GLN A 85 6.78 14.02 -16.93
C GLN A 85 5.50 13.34 -17.37
N ASP A 86 5.22 12.18 -16.77
CA ASP A 86 4.01 11.43 -16.98
C ASP A 86 2.86 12.35 -16.47
N PRO A 87 1.85 12.69 -17.31
CA PRO A 87 0.75 13.57 -16.86
C PRO A 87 0.04 13.15 -15.56
N ILE A 88 -0.01 11.82 -15.28
CA ILE A 88 -0.64 11.28 -14.07
C ILE A 88 0.20 11.65 -12.86
N GLU A 89 1.54 11.58 -13.00
CA GLU A 89 2.51 11.95 -11.96
C GLU A 89 2.59 13.44 -11.76
N ARG A 90 2.49 14.21 -12.86
CA ARG A 90 2.56 15.67 -12.82
C ARG A 90 1.26 16.21 -12.20
N ALA A 91 0.13 15.54 -12.51
CA ALA A 91 -1.22 15.78 -12.00
C ALA A 91 -1.66 17.25 -12.13
N LEU A 92 -2.20 17.84 -11.04
CA LEU A 92 -2.80 19.18 -11.04
C LEU A 92 -1.86 20.34 -11.41
N LEU A 93 -0.53 20.15 -11.39
CA LEU A 93 0.44 21.17 -11.84
C LEU A 93 0.20 21.58 -13.30
N THR A 94 -0.14 20.61 -14.16
CA THR A 94 -0.46 20.83 -15.60
C THR A 94 -1.51 21.92 -15.80
N ASP A 95 -2.58 21.91 -14.97
CA ASP A 95 -3.69 22.87 -15.01
C ASP A 95 -3.19 24.32 -14.82
N PHE A 96 -2.09 24.51 -14.07
CA PHE A 96 -1.49 25.82 -13.82
C PHE A 96 -0.31 26.18 -14.71
N TRP A 97 0.57 25.21 -15.02
CA TRP A 97 1.83 25.50 -15.71
C TRP A 97 2.04 24.81 -17.06
N GLY A 98 1.08 24.01 -17.50
CA GLY A 98 1.24 23.22 -18.71
C GLY A 98 1.98 21.93 -18.43
N THR A 99 2.40 21.22 -19.49
CA THR A 99 2.99 19.88 -19.42
C THR A 99 4.41 19.83 -18.80
N GLY A 100 5.05 20.97 -18.55
CA GLY A 100 6.35 21.03 -17.90
C GLY A 100 7.59 20.95 -18.78
N LEU A 101 8.77 21.13 -18.15
CA LEU A 101 10.07 21.12 -18.86
C LEU A 101 10.39 19.82 -19.65
N THR A 102 11.08 19.97 -20.79
CA THR A 102 11.55 18.88 -21.65
C THR A 102 13.05 19.02 -21.90
N LYS A 103 13.60 20.21 -21.61
CA LYS A 103 15.01 20.55 -21.79
C LYS A 103 15.47 21.43 -20.62
N ASP A 104 16.80 21.73 -20.59
CA ASP A 104 17.45 22.58 -19.59
C ASP A 104 17.15 22.08 -18.14
N THR A 105 17.26 20.75 -17.93
CA THR A 105 17.01 20.10 -16.64
C THR A 105 18.25 20.15 -15.75
N GLU A 106 19.38 20.45 -16.34
CA GLU A 106 20.64 20.53 -15.63
C GLU A 106 20.69 21.75 -14.74
N ILE A 107 21.47 21.65 -13.68
CA ILE A 107 21.72 22.75 -12.75
C ILE A 107 22.56 23.78 -13.50
N VAL A 108 22.30 25.08 -13.27
CA VAL A 108 23.07 26.19 -13.88
C VAL A 108 24.57 25.93 -13.65
N SER A 109 25.39 26.11 -14.70
CA SER A 109 26.82 25.77 -14.70
C SER A 109 27.61 26.37 -13.54
N GLU A 110 27.22 27.56 -13.08
CA GLU A 110 27.83 28.30 -11.96
C GLU A 110 27.68 27.53 -10.66
N LEU A 111 26.60 26.73 -10.55
CA LEU A 111 26.28 25.94 -9.35
C LEU A 111 26.31 24.41 -9.57
N SER A 112 27.04 23.95 -10.59
CA SER A 112 27.16 22.51 -10.91
C SER A 112 27.53 21.68 -9.68
N PRO A 113 26.76 20.60 -9.36
CA PRO A 113 27.12 19.78 -8.19
C PRO A 113 28.51 19.17 -8.27
N GLU A 114 29.20 19.11 -7.12
CA GLU A 114 30.55 18.55 -6.98
C GLU A 114 30.45 17.17 -6.30
N ASP A 115 31.57 16.42 -6.21
CA ASP A 115 31.62 15.10 -5.59
C ASP A 115 31.16 15.15 -4.14
N GLY A 116 30.15 14.35 -3.83
CA GLY A 116 29.59 14.29 -2.48
C GLY A 116 28.22 14.94 -2.38
N ASP A 117 27.91 15.88 -3.30
CA ASP A 117 26.61 16.56 -3.35
C ASP A 117 25.55 15.60 -3.85
N ILE A 118 24.32 15.71 -3.34
CA ILE A 118 23.20 14.86 -3.69
C ILE A 118 22.15 15.63 -4.46
N GLN A 119 21.53 14.97 -5.45
CA GLN A 119 20.43 15.57 -6.20
C GLN A 119 19.16 14.72 -6.04
N TYR A 120 18.04 15.36 -5.67
CA TYR A 120 16.74 14.69 -5.58
C TYR A 120 15.82 15.16 -6.67
N THR A 121 15.08 14.23 -7.29
CA THR A 121 14.07 14.50 -8.31
C THR A 121 12.88 15.17 -7.62
N LYS A 122 12.50 16.35 -8.10
CA LYS A 122 11.45 17.23 -7.60
C LYS A 122 10.13 17.08 -8.36
N TRP A 123 9.04 16.75 -7.64
CA TRP A 123 7.71 16.54 -8.24
C TRP A 123 6.67 17.59 -7.92
N ARG A 124 6.81 18.23 -6.77
CA ARG A 124 5.84 19.20 -6.28
C ARG A 124 6.56 20.43 -5.81
N TYR A 125 5.81 21.50 -5.45
CA TYR A 125 6.36 22.75 -4.90
C TYR A 125 7.28 22.45 -3.70
N SER A 126 6.83 21.56 -2.80
CA SER A 126 7.61 21.15 -1.63
C SER A 126 8.66 20.13 -1.95
N ALA A 127 9.90 20.40 -1.52
CA ALA A 127 11.04 19.48 -1.72
C ALA A 127 10.90 18.18 -0.89
N PHE A 128 9.91 18.11 0.03
CA PHE A 128 9.63 16.92 0.86
C PHE A 128 8.65 15.93 0.20
N LYS A 129 7.87 16.37 -0.79
CA LYS A 129 6.87 15.51 -1.46
C LYS A 129 7.50 14.56 -2.43
N LYS A 130 7.30 13.24 -2.22
CA LYS A 130 7.79 12.15 -3.08
C LYS A 130 9.34 12.12 -3.17
N THR A 131 10.06 12.42 -2.07
CA THR A 131 11.54 12.42 -2.03
C THR A 131 12.11 11.76 -0.76
N PRO A 132 13.41 11.36 -0.74
CA PRO A 132 13.99 10.82 0.50
C PRO A 132 14.51 11.84 1.53
N LEU A 133 14.29 13.16 1.32
CA LEU A 133 14.75 14.28 2.17
C LEU A 133 14.38 14.15 3.65
N LEU A 134 13.09 13.93 4.00
CA LEU A 134 12.73 13.75 5.42
C LEU A 134 13.45 12.52 6.02
N GLU A 135 13.39 11.37 5.32
CA GLU A 135 14.03 10.09 5.73
C GLU A 135 15.56 10.27 5.98
N ARG A 136 16.25 11.00 5.09
CA ARG A 136 17.69 11.27 5.25
C ARG A 136 17.99 12.24 6.37
N MET A 137 17.09 13.24 6.58
CA MET A 137 17.29 14.21 7.65
C MET A 137 17.11 13.54 9.02
N LYS A 138 16.14 12.63 9.12
CA LYS A 138 15.86 11.88 10.35
C LYS A 138 16.99 10.91 10.67
N GLU A 139 17.49 10.15 9.65
CA GLU A 139 18.58 9.18 9.79
C GLU A 139 19.89 9.84 10.21
N THR A 140 20.14 11.10 9.78
CA THR A 140 21.39 11.80 10.09
C THR A 140 21.25 12.78 11.25
N GLN A 141 20.05 12.83 11.89
CA GLN A 141 19.72 13.74 13.01
C GLN A 141 19.92 15.20 12.64
N ARG A 142 19.53 15.56 11.42
CA ARG A 142 19.64 16.94 10.93
C ARG A 142 18.23 17.52 10.87
N ASP A 143 18.01 18.60 11.63
CA ASP A 143 16.68 19.21 11.78
C ASP A 143 16.64 20.72 11.42
N GLN A 144 17.61 21.16 10.61
CA GLN A 144 17.70 22.54 10.15
C GLN A 144 17.92 22.56 8.66
N LEU A 145 17.08 23.30 7.94
CA LEU A 145 17.15 23.37 6.48
C LEU A 145 17.44 24.78 6.02
N ILE A 146 18.58 24.98 5.38
CA ILE A 146 18.96 26.30 4.84
C ILE A 146 18.45 26.26 3.40
N ILE A 147 17.51 27.15 3.08
CA ILE A 147 16.86 27.17 1.77
C ILE A 147 17.28 28.37 0.92
N VAL A 148 17.76 28.06 -0.28
CA VAL A 148 18.22 29.03 -1.28
C VAL A 148 17.64 28.58 -2.64
N GLY A 149 17.57 29.47 -3.60
CA GLY A 149 17.09 29.13 -4.93
C GLY A 149 15.87 29.90 -5.41
N VAL A 150 15.11 29.28 -6.32
CA VAL A 150 13.92 29.90 -6.92
C VAL A 150 12.71 28.92 -6.84
N TYR A 151 11.46 29.41 -6.81
CA TYR A 151 11.04 30.82 -6.70
C TYR A 151 10.57 31.02 -5.29
N ALA A 152 10.93 32.14 -4.68
CA ALA A 152 10.60 32.42 -3.29
C ALA A 152 9.12 32.11 -2.88
N HIS A 153 8.12 32.69 -3.56
CA HIS A 153 6.72 32.51 -3.16
C HIS A 153 6.08 31.16 -3.52
N ILE A 154 6.77 30.33 -4.32
CA ILE A 154 6.21 29.06 -4.75
C ILE A 154 6.91 27.91 -4.03
N GLY A 155 7.93 27.31 -4.65
CA GLY A 155 8.66 26.18 -4.14
C GLY A 155 9.42 26.44 -2.85
N ILE A 156 10.09 27.59 -2.72
CA ILE A 156 10.82 27.95 -1.48
C ILE A 156 9.82 28.01 -0.32
N LEU A 157 8.69 28.74 -0.52
CA LEU A 157 7.67 28.87 0.50
C LEU A 157 7.07 27.52 0.91
N SER A 158 6.63 26.70 -0.07
CA SER A 158 6.03 25.39 0.19
C SER A 158 6.98 24.46 0.92
N THR A 159 8.28 24.44 0.50
CA THR A 159 9.34 23.64 1.16
C THR A 159 9.52 24.03 2.63
N ALA A 160 9.55 25.33 2.90
CA ALA A 160 9.71 25.89 4.26
C ALA A 160 8.53 25.59 5.14
N LEU A 161 7.32 25.61 4.56
CA LEU A 161 6.06 25.32 5.27
C LEU A 161 6.03 23.88 5.70
N ASP A 162 6.48 22.98 4.81
CA ASP A 162 6.59 21.53 5.03
C ASP A 162 7.64 21.19 6.08
N ALA A 163 8.85 21.75 5.91
CA ALA A 163 9.96 21.63 6.89
C ALA A 163 9.40 21.93 8.24
N PHE A 164 8.86 23.17 8.43
CA PHE A 164 8.23 23.63 9.66
C PHE A 164 7.27 22.61 10.28
N MET A 165 6.32 22.09 9.49
CA MET A 165 5.30 21.13 9.93
C MET A 165 5.91 19.77 10.26
N LEU A 166 7.05 19.41 9.63
CA LEU A 166 7.76 18.15 9.87
C LEU A 166 8.85 18.28 10.95
N ASP A 167 8.79 19.34 11.75
CA ASP A 167 9.70 19.62 12.86
C ASP A 167 11.13 19.95 12.41
N ILE A 168 11.27 20.49 11.19
CA ILE A 168 12.58 20.90 10.68
C ILE A 168 12.55 22.44 10.68
N GLN A 169 13.58 23.07 11.25
CA GLN A 169 13.67 24.52 11.28
C GLN A 169 14.09 25.09 9.91
N PRO A 170 13.19 25.81 9.18
CA PRO A 170 13.61 26.38 7.90
C PRO A 170 14.31 27.73 8.04
N PHE A 171 15.42 27.90 7.30
CA PHE A 171 16.19 29.15 7.27
C PHE A 171 16.22 29.62 5.83
N VAL A 172 15.35 30.57 5.50
CA VAL A 172 15.26 31.09 4.14
C VAL A 172 16.26 32.24 4.01
N VAL A 173 17.20 32.12 3.08
CA VAL A 173 18.21 33.18 2.90
C VAL A 173 17.65 34.21 1.96
N GLY A 174 17.17 35.33 2.53
CA GLY A 174 16.53 36.43 1.82
C GLY A 174 17.29 37.00 0.64
N ASP A 175 18.63 37.02 0.74
CA ASP A 175 19.43 37.52 -0.37
C ASP A 175 20.04 36.38 -1.22
N ALA A 176 19.59 35.10 -0.99
CA ALA A 176 20.02 33.96 -1.83
C ALA A 176 18.81 33.23 -2.42
N VAL A 177 17.70 33.98 -2.58
CA VAL A 177 16.45 33.54 -3.22
C VAL A 177 16.06 34.58 -4.29
N ALA A 178 15.27 34.18 -5.31
CA ALA A 178 14.75 35.10 -6.32
C ALA A 178 13.31 34.70 -6.61
N ASP A 179 12.53 35.63 -7.17
CA ASP A 179 11.11 35.37 -7.40
C ASP A 179 10.62 36.00 -8.69
N PHE A 180 9.30 35.90 -8.96
CA PHE A 180 8.65 36.53 -10.14
C PHE A 180 8.73 38.03 -10.11
N SER A 181 8.85 38.62 -8.90
CA SER A 181 8.96 40.09 -8.70
C SER A 181 9.56 40.39 -7.33
N LEU A 182 9.84 41.67 -7.08
CA LEU A 182 10.34 42.17 -5.81
C LEU A 182 9.21 42.12 -4.76
N GLU A 183 7.97 42.41 -5.20
CA GLU A 183 6.76 42.37 -4.36
C GLU A 183 6.57 40.93 -3.83
N ASP A 184 6.63 39.92 -4.71
CA ASP A 184 6.51 38.52 -4.33
C ASP A 184 7.66 38.10 -3.39
N HIS A 185 8.88 38.57 -3.70
CA HIS A 185 10.08 38.30 -2.92
C HIS A 185 9.89 38.80 -1.47
N HIS A 186 9.52 40.10 -1.32
CA HIS A 186 9.25 40.70 -0.01
C HIS A 186 8.10 40.04 0.77
N HIS A 187 6.98 39.77 0.09
CA HIS A 187 5.80 39.13 0.67
C HIS A 187 6.17 37.74 1.24
N THR A 188 7.00 36.96 0.53
CA THR A 188 7.43 35.63 1.00
C THR A 188 8.24 35.75 2.30
N LEU A 189 9.25 36.64 2.34
CA LEU A 189 10.09 36.84 3.53
C LEU A 189 9.23 37.23 4.73
N LYS A 190 8.26 38.13 4.52
CA LYS A 190 7.35 38.58 5.57
C LYS A 190 6.51 37.39 6.09
N TYR A 191 5.98 36.57 5.17
CA TYR A 191 5.20 35.40 5.53
C TYR A 191 6.05 34.39 6.33
N ILE A 192 7.32 34.17 5.91
CA ILE A 192 8.25 33.26 6.61
C ILE A 192 8.48 33.70 8.06
N THR A 193 8.93 34.95 8.27
CA THR A 193 9.24 35.52 9.61
C THR A 193 8.05 35.48 10.54
N GLU A 194 6.85 35.68 9.99
CA GLU A 194 5.62 35.72 10.75
C GLU A 194 5.00 34.36 11.08
N ARG A 195 5.15 33.35 10.20
CA ARG A 195 4.43 32.10 10.39
C ARG A 195 5.21 30.80 10.23
N VAL A 196 6.38 30.84 9.58
CA VAL A 196 7.06 29.61 9.20
C VAL A 196 8.44 29.38 9.81
N GLY A 197 9.31 30.36 9.73
CA GLY A 197 10.65 30.17 10.27
C GLY A 197 11.50 31.41 10.28
N CYS A 198 12.77 31.21 9.95
CA CYS A 198 13.79 32.25 9.99
C CYS A 198 14.16 32.77 8.61
N VAL A 199 14.20 34.11 8.46
CA VAL A 199 14.70 34.78 7.27
C VAL A 199 16.07 35.29 7.66
N THR A 200 17.09 34.79 6.99
CA THR A 200 18.47 35.16 7.26
C THR A 200 19.11 35.78 6.00
N SER A 201 20.37 36.16 6.11
CA SER A 201 21.09 36.78 5.02
C SER A 201 22.45 36.10 4.92
N LEU A 202 23.16 36.23 3.80
CA LEU A 202 24.49 35.64 3.61
C LEU A 202 25.47 36.08 4.72
N GLU A 203 25.41 37.38 5.10
CA GLU A 203 26.25 37.99 6.15
C GLU A 203 25.93 37.47 7.55
N ALA A 204 24.65 37.35 7.92
CA ALA A 204 24.25 36.87 9.23
C ALA A 204 24.57 35.39 9.39
N LEU A 205 24.38 34.63 8.28
CA LEU A 205 24.58 33.18 8.19
C LEU A 205 26.05 32.76 8.21
N LYS A 206 26.92 33.50 7.48
CA LYS A 206 28.37 33.25 7.39
C LYS A 206 29.05 32.81 8.73
N PRO A 207 28.95 33.55 9.88
CA PRO A 207 29.65 33.09 11.10
C PRO A 207 29.01 31.90 11.81
N GLN A 208 27.67 31.72 11.65
CA GLN A 208 26.95 30.61 12.29
C GLN A 208 27.38 29.23 11.76
N MET A 209 27.81 29.16 10.46
CA MET A 209 28.30 27.96 9.78
C MET A 209 29.74 27.59 10.18
N PRO B 6 -3.72 37.88 17.53
CA PRO B 6 -4.15 39.24 17.88
C PRO B 6 -5.65 39.44 17.81
N LYS B 7 -6.17 40.52 18.45
CA LYS B 7 -7.58 40.88 18.35
C LYS B 7 -7.77 41.37 16.91
N ILE B 8 -8.63 40.69 16.18
CA ILE B 8 -8.88 40.99 14.78
C ILE B 8 -9.88 42.11 14.67
N ALA B 9 -9.48 43.21 13.98
CA ALA B 9 -10.34 44.36 13.71
C ALA B 9 -11.38 43.95 12.68
N SER B 10 -12.60 44.49 12.79
CA SER B 10 -13.74 44.20 11.93
C SER B 10 -13.47 44.54 10.46
N TYR B 11 -13.96 43.69 9.57
CA TYR B 11 -13.85 43.87 8.12
C TYR B 11 -14.96 43.08 7.42
N SER B 12 -15.38 43.53 6.23
CA SER B 12 -16.43 42.83 5.49
C SER B 12 -15.79 41.80 4.58
N ILE B 13 -16.40 40.59 4.50
CA ILE B 13 -15.96 39.51 3.61
C ILE B 13 -16.09 40.10 2.20
N PRO B 14 -15.02 40.06 1.40
CA PRO B 14 -15.12 40.63 0.05
C PRO B 14 -16.23 39.98 -0.79
N LEU B 15 -16.80 40.77 -1.71
CA LEU B 15 -17.87 40.29 -2.60
C LEU B 15 -17.24 39.52 -3.74
N ALA B 16 -17.95 38.47 -4.21
CA ALA B 16 -17.53 37.57 -5.29
C ALA B 16 -16.98 38.28 -6.55
N GLU B 17 -17.51 39.44 -6.92
CA GLU B 17 -16.98 40.15 -8.09
C GLU B 17 -15.59 40.75 -7.86
N THR B 18 -15.21 40.97 -6.57
CA THR B 18 -13.86 41.47 -6.26
C THR B 18 -12.84 40.30 -6.24
N PHE B 19 -13.33 39.02 -6.24
CA PHE B 19 -12.43 37.86 -6.20
C PHE B 19 -11.53 37.83 -7.44
N PRO B 20 -10.25 37.38 -7.31
CA PRO B 20 -9.40 37.30 -8.51
C PRO B 20 -9.91 36.22 -9.49
N LYS B 21 -9.62 36.39 -10.77
CA LYS B 21 -10.02 35.43 -11.80
C LYS B 21 -9.28 34.09 -11.65
N ASN B 22 -10.03 32.98 -11.73
CA ASN B 22 -9.47 31.62 -11.67
C ASN B 22 -8.70 31.30 -12.95
N LYS B 23 -7.53 30.68 -12.79
CA LYS B 23 -6.66 30.22 -13.87
C LYS B 23 -7.21 28.87 -14.34
N VAL B 24 -7.69 28.06 -13.38
CA VAL B 24 -8.23 26.71 -13.62
C VAL B 24 -9.75 26.74 -13.76
N HIS B 25 -10.29 25.78 -14.51
CA HIS B 25 -11.73 25.72 -14.76
C HIS B 25 -12.34 24.45 -14.19
N TRP B 26 -12.14 24.25 -12.88
CA TRP B 26 -12.66 23.07 -12.17
C TRP B 26 -14.08 23.32 -11.71
N HIS B 27 -14.83 22.23 -11.52
CA HIS B 27 -16.20 22.27 -11.04
C HIS B 27 -16.43 21.17 -10.03
N VAL B 28 -17.09 21.51 -8.91
CA VAL B 28 -17.42 20.58 -7.84
C VAL B 28 -18.46 19.57 -8.33
N GLN B 29 -18.17 18.29 -8.10
CA GLN B 29 -19.06 17.15 -8.40
C GLN B 29 -19.26 16.47 -7.04
N ALA B 30 -20.52 16.40 -6.59
CA ALA B 30 -20.94 15.85 -5.29
C ALA B 30 -20.32 14.49 -4.94
N ASP B 31 -20.22 13.59 -5.93
CA ASP B 31 -19.65 12.25 -5.81
C ASP B 31 -18.14 12.26 -5.56
N ARG B 32 -17.44 13.38 -5.86
CA ARG B 32 -15.98 13.51 -5.72
C ARG B 32 -15.55 14.43 -4.58
N ALA B 33 -16.49 15.17 -3.99
CA ALA B 33 -16.19 16.24 -3.02
C ALA B 33 -16.31 15.88 -1.52
N VAL B 34 -15.55 16.62 -0.71
CA VAL B 34 -15.54 16.60 0.75
C VAL B 34 -15.60 18.08 1.18
N LEU B 35 -16.42 18.39 2.17
CA LEU B 35 -16.47 19.75 2.72
C LEU B 35 -15.62 19.76 3.99
N LEU B 36 -14.58 20.61 4.01
CA LEU B 36 -13.73 20.77 5.17
C LEU B 36 -14.07 22.08 5.91
N ILE B 37 -14.57 21.96 7.13
CA ILE B 37 -14.88 23.10 8.00
C ILE B 37 -13.64 23.20 8.89
N HIS B 38 -12.68 24.02 8.45
CA HIS B 38 -11.39 24.24 9.05
C HIS B 38 -11.40 25.16 10.27
N ASP B 39 -11.03 24.58 11.44
CA ASP B 39 -10.77 25.22 12.74
C ASP B 39 -11.84 26.21 13.19
N MET B 40 -13.12 25.86 13.04
CA MET B 40 -14.23 26.74 13.45
C MET B 40 -14.54 26.56 14.93
N GLN B 41 -13.49 26.62 15.76
CA GLN B 41 -13.54 26.47 17.21
C GLN B 41 -13.77 27.82 17.83
N LYS B 42 -14.46 27.84 18.98
CA LYS B 42 -14.76 29.06 19.74
C LYS B 42 -13.49 29.85 20.04
N TYR B 43 -12.38 29.18 20.37
CA TYR B 43 -11.09 29.78 20.66
C TYR B 43 -10.63 30.70 19.52
N PHE B 44 -10.66 30.21 18.26
CA PHE B 44 -10.23 30.97 17.10
C PHE B 44 -11.20 32.09 16.70
N ILE B 45 -12.52 31.85 16.84
CA ILE B 45 -13.55 32.84 16.49
C ILE B 45 -13.60 33.95 17.54
N ASN B 46 -13.13 33.67 18.77
CA ASN B 46 -13.08 34.64 19.88
C ASN B 46 -12.14 35.80 19.61
N PHE B 47 -11.19 35.63 18.67
CA PHE B 47 -10.24 36.72 18.36
C PHE B 47 -10.91 37.87 17.59
N PHE B 48 -12.10 37.61 17.01
CA PHE B 48 -12.96 38.58 16.32
C PHE B 48 -14.06 38.99 17.28
N ASP B 49 -14.76 40.09 16.99
CA ASP B 49 -15.95 40.46 17.75
C ASP B 49 -17.06 39.80 16.94
N HIS B 50 -17.67 38.72 17.48
CA HIS B 50 -18.71 37.92 16.82
C HIS B 50 -19.83 38.75 16.21
N SER B 51 -20.34 39.70 16.99
CA SER B 51 -21.44 40.57 16.57
C SER B 51 -21.11 41.46 15.37
N GLN B 52 -19.82 41.53 14.98
CA GLN B 52 -19.38 42.31 13.82
C GLN B 52 -18.72 41.47 12.74
N ALA B 53 -18.74 42.00 11.51
CA ALA B 53 -18.17 41.42 10.31
C ALA B 53 -16.68 41.04 10.48
N PRO B 54 -16.17 39.93 9.87
CA PRO B 54 -16.83 39.00 8.93
C PRO B 54 -17.68 37.86 9.51
N VAL B 55 -17.70 37.70 10.85
CA VAL B 55 -18.32 36.59 11.59
C VAL B 55 -19.81 36.31 11.23
N PRO B 56 -20.83 37.21 11.35
CA PRO B 56 -22.21 36.77 11.01
C PRO B 56 -22.36 36.18 9.62
N GLU B 57 -21.72 36.80 8.58
CA GLU B 57 -21.79 36.30 7.21
C GLU B 57 -21.05 34.98 7.08
N LEU B 58 -19.86 34.86 7.75
CA LEU B 58 -19.04 33.66 7.78
C LEU B 58 -19.84 32.46 8.31
N LEU B 59 -20.50 32.63 9.47
CA LEU B 59 -21.30 31.57 10.10
C LEU B 59 -22.51 31.20 9.28
N ALA B 60 -23.24 32.20 8.69
CA ALA B 60 -24.43 31.95 7.87
C ALA B 60 -24.07 31.20 6.58
N ASN B 61 -22.98 31.62 5.88
CA ASN B 61 -22.49 30.98 4.66
C ASN B 61 -21.98 29.55 4.88
N ILE B 62 -21.23 29.29 5.98
CA ILE B 62 -20.77 27.93 6.28
C ILE B 62 -21.99 27.04 6.62
N SER B 63 -22.93 27.57 7.43
CA SER B 63 -24.16 26.87 7.81
C SER B 63 -25.00 26.48 6.59
N GLU B 64 -25.14 27.40 5.61
CA GLU B 64 -25.88 27.18 4.35
C GLU B 64 -25.18 26.09 3.53
N LEU B 65 -23.83 26.14 3.46
CA LEU B 65 -23.02 25.17 2.72
C LEU B 65 -22.99 23.76 3.32
N LYS B 66 -22.94 23.66 4.66
CA LYS B 66 -22.98 22.41 5.41
C LYS B 66 -24.33 21.70 5.11
N SER B 67 -25.45 22.45 5.15
CA SER B 67 -26.81 21.99 4.88
C SER B 67 -26.95 21.38 3.46
N LEU B 68 -26.33 22.04 2.44
CA LEU B 68 -26.33 21.57 1.05
C LEU B 68 -25.56 20.26 0.91
N ALA B 69 -24.36 20.20 1.55
CA ALA B 69 -23.44 19.05 1.56
C ALA B 69 -24.15 17.79 2.08
N ARG B 70 -24.82 17.90 3.23
CA ARG B 70 -25.58 16.82 3.86
C ARG B 70 -26.67 16.28 2.94
N GLN B 71 -27.36 17.18 2.21
CA GLN B 71 -28.37 16.82 1.21
C GLN B 71 -27.73 16.16 -0.01
N ALA B 72 -26.49 16.56 -0.38
CA ALA B 72 -25.77 16.02 -1.54
C ALA B 72 -24.92 14.79 -1.19
N ASN B 73 -24.98 14.34 0.08
CA ASN B 73 -24.20 13.25 0.66
C ASN B 73 -22.69 13.50 0.54
N ILE B 74 -22.29 14.79 0.45
CA ILE B 74 -20.89 15.22 0.42
C ILE B 74 -20.43 15.14 1.88
N PRO B 75 -19.44 14.27 2.22
CA PRO B 75 -18.98 14.20 3.62
C PRO B 75 -18.52 15.53 4.20
N VAL B 76 -18.91 15.76 5.46
CA VAL B 76 -18.54 16.98 6.18
C VAL B 76 -17.47 16.60 7.19
N VAL B 77 -16.30 17.25 7.11
CA VAL B 77 -15.16 17.02 7.98
C VAL B 77 -14.81 18.29 8.72
N TYR B 78 -14.78 18.23 10.06
CA TYR B 78 -14.38 19.35 10.89
C TYR B 78 -12.95 19.08 11.39
N THR B 79 -12.13 20.14 11.49
CA THR B 79 -10.80 20.05 12.09
C THR B 79 -10.83 20.88 13.35
N ALA B 80 -10.13 20.39 14.39
CA ALA B 80 -10.07 21.06 15.68
C ALA B 80 -8.74 20.77 16.36
N GLN B 81 -8.09 21.83 16.86
CA GLN B 81 -6.85 21.69 17.62
C GLN B 81 -7.20 21.20 19.04
N PRO B 82 -6.46 20.20 19.58
CA PRO B 82 -6.78 19.72 20.93
C PRO B 82 -6.19 20.61 22.04
N PRO B 83 -6.76 20.62 23.27
CA PRO B 83 -6.17 21.45 24.34
C PRO B 83 -4.98 20.78 25.02
N ASN B 84 -4.17 21.57 25.76
CA ASN B 84 -3.01 21.13 26.56
C ASN B 84 -2.13 20.13 25.82
N GLN B 85 -1.67 20.54 24.64
CA GLN B 85 -0.83 19.74 23.77
C GLN B 85 0.51 19.43 24.37
N ASP B 86 0.99 18.21 24.13
CA ASP B 86 2.31 17.75 24.52
C ASP B 86 3.31 18.62 23.73
N PRO B 87 4.24 19.36 24.40
CA PRO B 87 5.21 20.21 23.66
C PRO B 87 5.99 19.51 22.55
N ILE B 88 6.26 18.20 22.70
CA ILE B 88 6.99 17.41 21.70
C ILE B 88 6.13 17.27 20.44
N GLU B 89 4.82 17.06 20.63
CA GLU B 89 3.85 16.92 19.55
C GLU B 89 3.52 18.25 18.90
N ARG B 90 3.46 19.34 19.72
CA ARG B 90 3.18 20.69 19.23
C ARG B 90 4.40 21.23 18.47
N ALA B 91 5.61 20.85 18.94
CA ALA B 91 6.92 21.17 18.38
C ALA B 91 7.13 22.68 18.08
N LEU B 92 7.59 23.02 16.85
CA LEU B 92 7.95 24.38 16.44
C LEU B 92 6.81 25.43 16.49
N LEU B 93 5.52 25.03 16.61
CA LEU B 93 4.40 25.98 16.72
C LEU B 93 4.48 26.89 17.95
N THR B 94 5.01 26.36 19.08
CA THR B 94 5.19 27.11 20.34
C THR B 94 6.07 28.35 20.12
N ASP B 95 7.15 28.19 19.35
CA ASP B 95 8.09 29.27 19.03
C ASP B 95 7.35 30.47 18.40
N PHE B 96 6.25 30.22 17.66
CA PHE B 96 5.45 31.24 17.00
C PHE B 96 4.19 31.66 17.75
N TRP B 97 3.46 30.71 18.36
CA TRP B 97 2.15 30.98 18.96
C TRP B 97 2.01 30.69 20.46
N GLY B 98 3.07 30.20 21.09
CA GLY B 98 3.03 29.81 22.50
C GLY B 98 2.53 28.38 22.65
N THR B 99 2.28 27.95 23.89
CA THR B 99 1.81 26.60 24.24
C THR B 99 0.41 26.29 23.70
N GLY B 100 0.02 25.02 23.66
CA GLY B 100 -1.28 24.58 23.16
C GLY B 100 -2.44 25.20 23.92
N LEU B 101 -3.49 25.68 23.17
CA LEU B 101 -4.74 26.25 23.71
C LEU B 101 -5.32 25.35 24.81
N THR B 102 -6.09 25.90 25.76
CA THR B 102 -6.53 25.08 26.91
C THR B 102 -8.04 25.06 27.11
N LYS B 103 -8.74 26.03 26.48
CA LYS B 103 -10.17 26.29 26.61
C LYS B 103 -10.79 26.54 25.23
N ASP B 104 -12.15 26.54 25.15
CA ASP B 104 -12.96 26.84 23.97
C ASP B 104 -12.56 26.01 22.74
N THR B 105 -12.36 24.71 22.94
CA THR B 105 -11.93 23.76 21.90
C THR B 105 -13.10 23.28 21.07
N GLU B 106 -14.32 23.50 21.58
CA GLU B 106 -15.54 23.10 20.91
C GLU B 106 -15.79 23.97 19.67
N ILE B 107 -16.49 23.39 18.70
CA ILE B 107 -16.91 24.05 17.47
C ILE B 107 -17.96 25.09 17.88
N VAL B 108 -17.96 26.27 17.23
CA VAL B 108 -18.95 27.34 17.48
C VAL B 108 -20.35 26.73 17.39
N SER B 109 -21.24 27.06 18.36
CA SER B 109 -22.58 26.48 18.50
C SER B 109 -23.43 26.53 17.22
N GLU B 110 -23.26 27.59 16.40
CA GLU B 110 -23.94 27.79 15.12
C GLU B 110 -23.59 26.69 14.10
N LEU B 111 -22.38 26.11 14.23
CA LEU B 111 -21.86 25.07 13.34
C LEU B 111 -21.61 23.73 14.02
N SER B 112 -22.27 23.46 15.16
CA SER B 112 -22.13 22.22 15.93
C SER B 112 -22.30 21.00 15.02
N PRO B 113 -21.31 20.05 15.02
CA PRO B 113 -21.47 18.85 14.18
C PRO B 113 -22.73 18.06 14.52
N GLU B 114 -23.47 17.66 13.49
CA GLU B 114 -24.69 16.85 13.63
C GLU B 114 -24.29 15.41 13.34
N ASP B 115 -25.21 14.44 13.53
CA ASP B 115 -25.00 13.00 13.34
C ASP B 115 -24.53 12.66 11.92
N GLY B 116 -23.36 12.01 11.83
CA GLY B 116 -22.76 11.63 10.56
C GLY B 116 -21.53 12.45 10.23
N ASP B 117 -21.38 13.64 10.85
CA ASP B 117 -20.20 14.50 10.63
C ASP B 117 -18.96 13.90 11.28
N ILE B 118 -17.81 14.10 10.66
CA ILE B 118 -16.53 13.59 11.16
C ILE B 118 -15.68 14.74 11.70
N GLN B 119 -15.02 14.53 12.83
CA GLN B 119 -14.11 15.50 13.42
C GLN B 119 -12.72 14.88 13.50
N TYR B 120 -11.71 15.58 12.97
CA TYR B 120 -10.30 15.15 13.06
C TYR B 120 -9.54 16.13 13.94
N THR B 121 -8.65 15.58 14.79
CA THR B 121 -7.77 16.34 15.67
C THR B 121 -6.69 16.95 14.75
N LYS B 122 -6.53 18.28 14.83
CA LYS B 122 -5.63 19.11 14.04
C LYS B 122 -4.33 19.41 14.79
N TRP B 123 -3.18 19.04 14.19
CA TRP B 123 -1.85 19.24 14.76
C TRP B 123 -0.98 20.28 14.12
N ARG B 124 -1.22 20.56 12.84
CA ARG B 124 -0.40 21.48 12.07
C ARG B 124 -1.29 22.39 11.28
N TYR B 125 -0.71 23.39 10.57
CA TYR B 125 -1.49 24.30 9.70
C TYR B 125 -2.31 23.50 8.68
N SER B 126 -1.68 22.46 8.11
CA SER B 126 -2.32 21.59 7.14
C SER B 126 -3.18 20.52 7.84
N ALA B 127 -4.42 20.36 7.36
CA ALA B 127 -5.39 19.39 7.84
C ALA B 127 -5.00 17.97 7.39
N PHE B 128 -3.96 17.82 6.53
CA PHE B 128 -3.46 16.52 6.06
C PHE B 128 -2.37 15.92 6.97
N LYS B 129 -1.64 16.76 7.74
CA LYS B 129 -0.56 16.30 8.62
C LYS B 129 -1.10 15.61 9.86
N LYS B 130 -0.67 14.35 10.08
CA LYS B 130 -1.02 13.49 11.23
C LYS B 130 -2.54 13.24 11.36
N THR B 131 -3.26 13.14 10.22
CA THR B 131 -4.72 12.90 10.19
C THR B 131 -5.06 11.80 9.14
N PRO B 132 -6.25 11.14 9.25
CA PRO B 132 -6.64 10.15 8.23
C PRO B 132 -7.26 10.77 6.97
N LEU B 133 -7.21 12.12 6.80
CA LEU B 133 -7.85 12.85 5.69
C LEU B 133 -7.51 12.33 4.29
N LEU B 134 -6.22 12.22 3.94
CA LEU B 134 -5.84 11.71 2.61
C LEU B 134 -6.28 10.23 2.43
N GLU B 135 -6.01 9.40 3.43
CA GLU B 135 -6.37 7.99 3.44
C GLU B 135 -7.89 7.79 3.23
N ARG B 136 -8.72 8.59 3.94
CA ARG B 136 -10.17 8.53 3.78
C ARG B 136 -10.65 9.00 2.40
N MET B 137 -9.97 10.00 1.81
CA MET B 137 -10.35 10.51 0.48
C MET B 137 -9.97 9.51 -0.65
N LYS B 138 -8.76 8.91 -0.56
CA LYS B 138 -8.28 7.88 -1.49
C LYS B 138 -9.23 6.69 -1.56
N GLU B 139 -9.66 6.21 -0.37
CA GLU B 139 -10.55 5.06 -0.13
C GLU B 139 -11.96 5.32 -0.69
N THR B 140 -12.55 6.49 -0.40
CA THR B 140 -13.90 6.85 -0.87
C THR B 140 -13.90 7.46 -2.30
N GLN B 141 -12.71 7.49 -2.98
CA GLN B 141 -12.53 8.03 -4.34
C GLN B 141 -12.95 9.50 -4.45
N ARG B 142 -12.63 10.28 -3.41
CA ARG B 142 -12.95 11.70 -3.36
C ARG B 142 -11.68 12.49 -3.56
N ASP B 143 -11.65 13.32 -4.61
CA ASP B 143 -10.44 14.09 -4.97
C ASP B 143 -10.68 15.60 -5.07
N GLN B 144 -11.75 16.11 -4.41
CA GLN B 144 -12.09 17.54 -4.40
C GLN B 144 -12.35 17.96 -2.98
N LEU B 145 -11.67 19.02 -2.53
CA LEU B 145 -11.81 19.52 -1.18
C LEU B 145 -12.35 20.93 -1.17
N ILE B 146 -13.56 21.11 -0.62
CA ILE B 146 -14.20 22.42 -0.49
C ILE B 146 -13.74 22.92 0.85
N ILE B 147 -13.00 24.05 0.88
CA ILE B 147 -12.41 24.57 2.10
C ILE B 147 -13.08 25.85 2.57
N VAL B 148 -13.54 25.84 3.82
CA VAL B 148 -14.21 26.95 4.50
C VAL B 148 -13.60 27.06 5.91
N GLY B 149 -13.77 28.21 6.56
CA GLY B 149 -13.27 28.40 7.92
C GLY B 149 -12.21 29.46 8.10
N VAL B 150 -11.40 29.30 9.16
CA VAL B 150 -10.35 30.28 9.53
C VAL B 150 -8.98 29.58 9.78
N TYR B 151 -7.81 30.24 9.60
CA TYR B 151 -7.63 31.58 9.02
C TYR B 151 -7.16 31.40 7.61
N ALA B 152 -7.68 32.21 6.68
CA ALA B 152 -7.36 32.08 5.26
C ALA B 152 -5.85 31.93 4.95
N HIS B 153 -4.99 32.86 5.39
CA HIS B 153 -3.56 32.81 5.04
C HIS B 153 -2.72 31.77 5.81
N ILE B 154 -3.28 31.11 6.83
CA ILE B 154 -2.49 30.18 7.61
C ILE B 154 -2.94 28.72 7.29
N GLY B 155 -3.88 28.20 8.09
CA GLY B 155 -4.38 26.85 7.96
C GLY B 155 -5.12 26.56 6.67
N ILE B 156 -5.99 27.50 6.20
CA ILE B 156 -6.72 27.33 4.92
C ILE B 156 -5.70 27.21 3.79
N LEU B 157 -4.74 28.14 3.73
CA LEU B 157 -3.71 28.15 2.68
C LEU B 157 -2.86 26.88 2.68
N SER B 158 -2.32 26.46 3.86
CA SER B 158 -1.48 25.25 3.98
C SER B 158 -2.24 23.99 3.59
N THR B 159 -3.51 23.85 4.02
CA THR B 159 -4.37 22.70 3.68
C THR B 159 -4.57 22.61 2.17
N ALA B 160 -4.85 23.75 1.55
CA ALA B 160 -5.05 23.89 0.09
C ALA B 160 -3.77 23.48 -0.67
N LEU B 161 -2.57 23.93 -0.19
CA LEU B 161 -1.27 23.61 -0.81
C LEU B 161 -0.97 22.10 -0.75
N ASP B 162 -1.24 21.48 0.40
CA ASP B 162 -1.08 20.05 0.60
C ASP B 162 -2.09 19.31 -0.29
N ALA B 163 -3.34 19.81 -0.39
CA ALA B 163 -4.38 19.18 -1.22
C ALA B 163 -3.88 19.07 -2.66
N PHE B 164 -3.55 20.21 -3.26
CA PHE B 164 -3.02 20.36 -4.60
C PHE B 164 -1.82 19.45 -4.80
N MET B 165 -0.88 19.44 -3.85
CA MET B 165 0.31 18.60 -3.97
C MET B 165 0.01 17.09 -3.86
N LEU B 166 -1.06 16.73 -3.15
CA LEU B 166 -1.51 15.36 -2.98
C LEU B 166 -2.56 14.97 -4.01
N ASP B 167 -2.68 15.76 -5.13
CA ASP B 167 -3.60 15.48 -6.26
C ASP B 167 -5.09 15.65 -5.90
N ILE B 168 -5.38 16.47 -4.90
CA ILE B 168 -6.74 16.76 -4.47
C ILE B 168 -7.01 18.19 -4.92
N GLN B 169 -8.09 18.42 -5.68
CA GLN B 169 -8.45 19.75 -6.19
C GLN B 169 -9.00 20.60 -5.06
N PRO B 170 -8.28 21.67 -4.64
CA PRO B 170 -8.84 22.52 -3.57
C PRO B 170 -9.77 23.62 -4.10
N PHE B 171 -10.91 23.79 -3.44
CA PHE B 171 -11.89 24.81 -3.76
C PHE B 171 -12.06 25.69 -2.53
N VAL B 172 -11.38 26.84 -2.52
CA VAL B 172 -11.45 27.76 -1.39
C VAL B 172 -12.65 28.67 -1.60
N VAL B 173 -13.62 28.64 -0.68
CA VAL B 173 -14.82 29.49 -0.78
C VAL B 173 -14.47 30.85 -0.21
N GLY B 174 -14.19 31.79 -1.10
CA GLY B 174 -13.78 33.16 -0.77
C GLY B 174 -14.69 33.89 0.20
N ASP B 175 -16.01 33.63 0.10
CA ASP B 175 -16.98 34.25 0.99
C ASP B 175 -17.40 33.34 2.16
N ALA B 176 -16.69 32.24 2.38
CA ALA B 176 -16.94 31.35 3.53
C ALA B 176 -15.62 31.10 4.31
N VAL B 177 -14.68 32.04 4.20
CA VAL B 177 -13.39 32.06 4.91
C VAL B 177 -13.23 33.44 5.58
N ALA B 178 -12.39 33.53 6.62
CA ALA B 178 -12.08 34.78 7.29
C ALA B 178 -10.61 34.75 7.69
N ASP B 179 -10.02 35.93 7.93
CA ASP B 179 -8.60 36.01 8.22
C ASP B 179 -8.30 37.10 9.23
N PHE B 180 -7.00 37.36 9.51
CA PHE B 180 -6.54 38.41 10.44
C PHE B 180 -6.89 39.79 9.92
N SER B 181 -7.04 39.94 8.59
CA SER B 181 -7.39 41.20 7.95
C SER B 181 -7.95 40.95 6.55
N LEU B 182 -8.48 42.00 5.93
CA LEU B 182 -9.00 41.97 4.57
C LEU B 182 -7.82 41.83 3.59
N GLU B 183 -6.66 42.46 3.92
CA GLU B 183 -5.41 42.41 3.15
C GLU B 183 -4.95 40.93 3.07
N ASP B 184 -4.88 40.24 4.22
CA ASP B 184 -4.51 38.83 4.28
C ASP B 184 -5.51 37.96 3.53
N HIS B 185 -6.82 38.27 3.69
CA HIS B 185 -7.92 37.56 3.03
C HIS B 185 -7.76 37.63 1.52
N HIS B 186 -7.60 38.86 0.96
CA HIS B 186 -7.40 39.08 -0.47
C HIS B 186 -6.13 38.45 -1.02
N HIS B 187 -4.98 38.59 -0.31
CA HIS B 187 -3.69 38.01 -0.72
C HIS B 187 -3.79 36.47 -0.82
N THR B 188 -4.49 35.81 0.13
CA THR B 188 -4.70 34.36 0.10
C THR B 188 -5.46 33.97 -1.17
N LEU B 189 -6.60 34.60 -1.45
CA LEU B 189 -7.43 34.28 -2.63
C LEU B 189 -6.64 34.43 -3.91
N LYS B 190 -5.85 35.52 -4.03
CA LYS B 190 -4.98 35.78 -5.16
C LYS B 190 -3.95 34.65 -5.31
N TYR B 191 -3.31 34.25 -4.19
CA TYR B 191 -2.32 33.19 -4.18
C TYR B 191 -2.94 31.87 -4.63
N ILE B 192 -4.15 31.53 -4.12
CA ILE B 192 -4.87 30.30 -4.50
C ILE B 192 -5.14 30.25 -6.00
N THR B 193 -5.81 31.27 -6.57
CA THR B 193 -6.15 31.34 -8.00
C THR B 193 -4.94 31.24 -8.91
N GLU B 194 -3.83 31.82 -8.48
CA GLU B 194 -2.60 31.86 -9.25
C GLU B 194 -1.73 30.63 -9.18
N ARG B 195 -1.72 29.90 -8.03
CA ARG B 195 -0.77 28.81 -7.82
C ARG B 195 -1.30 27.51 -7.24
N VAL B 196 -2.49 27.51 -6.63
CA VAL B 196 -2.96 26.35 -5.88
C VAL B 196 -4.25 25.72 -6.38
N GLY B 197 -5.29 26.51 -6.56
CA GLY B 197 -6.55 25.94 -6.98
C GLY B 197 -7.62 26.93 -7.37
N CYS B 198 -8.85 26.60 -6.99
CA CYS B 198 -10.05 27.35 -7.34
C CYS B 198 -10.56 28.18 -6.18
N VAL B 199 -10.82 29.46 -6.45
CA VAL B 199 -11.49 30.36 -5.50
C VAL B 199 -12.92 30.46 -6.00
N THR B 200 -13.85 29.96 -5.20
CA THR B 200 -15.25 29.96 -5.55
C THR B 200 -16.02 30.79 -4.51
N SER B 201 -17.33 30.91 -4.71
CA SER B 201 -18.25 31.64 -3.86
C SER B 201 -19.43 30.73 -3.50
N LEU B 202 -20.20 31.07 -2.47
CA LEU B 202 -21.37 30.31 -2.05
C LEU B 202 -22.41 30.20 -3.20
N GLU B 203 -22.67 31.32 -3.92
CA GLU B 203 -23.62 31.35 -5.04
C GLU B 203 -23.20 30.45 -6.20
N ALA B 204 -21.90 30.43 -6.54
CA ALA B 204 -21.38 29.59 -7.62
C ALA B 204 -21.38 28.09 -7.28
N LEU B 205 -21.21 27.71 -6.00
CA LEU B 205 -21.20 26.30 -5.56
C LEU B 205 -22.57 25.70 -5.51
N LYS B 206 -23.61 26.50 -5.14
CA LYS B 206 -25.01 26.06 -5.04
C LYS B 206 -25.46 25.17 -6.20
N PRO B 207 -25.36 25.58 -7.50
CA PRO B 207 -25.78 24.66 -8.59
C PRO B 207 -24.88 23.42 -8.77
N GLN B 208 -23.59 23.50 -8.35
CA GLN B 208 -22.65 22.37 -8.48
C GLN B 208 -22.93 21.26 -7.45
N MET B 209 -23.43 21.66 -6.25
CA MET B 209 -23.77 20.78 -5.14
C MET B 209 -25.00 19.94 -5.46
N LYS C 7 13.12 -34.03 -18.84
CA LYS C 7 13.94 -34.95 -18.05
C LYS C 7 15.38 -34.41 -18.09
N ILE C 8 15.91 -34.10 -16.92
CA ILE C 8 17.25 -33.55 -16.79
C ILE C 8 18.26 -34.69 -16.77
N ALA C 9 19.25 -34.61 -17.67
CA ALA C 9 20.35 -35.57 -17.78
C ALA C 9 21.28 -35.38 -16.56
N SER C 10 21.84 -36.45 -16.06
CA SER C 10 22.77 -36.47 -14.94
C SER C 10 24.06 -35.68 -15.21
N TYR C 11 24.51 -34.93 -14.21
CA TYR C 11 25.75 -34.14 -14.25
C TYR C 11 26.25 -33.95 -12.83
N SER C 12 27.56 -33.71 -12.68
CA SER C 12 28.18 -33.48 -11.38
C SER C 12 28.18 -31.98 -11.04
N ILE C 13 27.81 -31.66 -9.79
CA ILE C 13 27.85 -30.29 -9.25
C ILE C 13 29.31 -29.80 -9.40
N PRO C 14 29.57 -28.62 -10.03
CA PRO C 14 30.97 -28.17 -10.18
C PRO C 14 31.66 -27.90 -8.83
N LEU C 15 32.97 -28.05 -8.81
CA LEU C 15 33.79 -27.85 -7.61
C LEU C 15 34.04 -26.37 -7.43
N ALA C 16 34.08 -25.92 -6.15
CA ALA C 16 34.27 -24.51 -5.74
C ALA C 16 35.46 -23.83 -6.43
N GLU C 17 36.51 -24.60 -6.73
CA GLU C 17 37.73 -24.11 -7.41
C GLU C 17 37.44 -23.66 -8.84
N THR C 18 36.39 -24.24 -9.50
CA THR C 18 35.96 -23.88 -10.85
C THR C 18 34.98 -22.67 -10.86
N PHE C 19 34.46 -22.25 -9.68
CA PHE C 19 33.50 -21.14 -9.59
C PHE C 19 34.14 -19.82 -10.05
N PRO C 20 33.38 -18.93 -10.73
CA PRO C 20 33.99 -17.65 -11.17
C PRO C 20 34.35 -16.75 -10.01
N LYS C 21 35.35 -15.89 -10.20
CA LYS C 21 35.79 -14.96 -9.14
C LYS C 21 34.75 -13.86 -8.90
N ASN C 22 34.46 -13.61 -7.61
CA ASN C 22 33.52 -12.59 -7.16
C ASN C 22 34.10 -11.19 -7.40
N LYS C 23 33.26 -10.29 -7.91
CA LYS C 23 33.58 -8.88 -8.18
C LYS C 23 33.40 -8.12 -6.86
N VAL C 24 32.38 -8.52 -6.07
CA VAL C 24 32.04 -7.92 -4.77
C VAL C 24 32.69 -8.70 -3.64
N HIS C 25 32.96 -8.01 -2.52
CA HIS C 25 33.62 -8.65 -1.40
C HIS C 25 32.71 -8.71 -0.17
N TRP C 26 31.53 -9.30 -0.34
CA TRP C 26 30.56 -9.45 0.74
C TRP C 26 30.81 -10.72 1.52
N HIS C 27 30.39 -10.71 2.78
CA HIS C 27 30.50 -11.88 3.66
C HIS C 27 29.25 -12.01 4.48
N VAL C 28 28.76 -13.25 4.62
CA VAL C 28 27.56 -13.58 5.39
C VAL C 28 27.82 -13.33 6.88
N GLN C 29 26.88 -12.62 7.50
CA GLN C 29 26.84 -12.35 8.92
C GLN C 29 25.48 -12.91 9.39
N ALA C 30 25.53 -13.89 10.31
CA ALA C 30 24.36 -14.60 10.89
C ALA C 30 23.20 -13.70 11.29
N ASP C 31 23.49 -12.55 11.90
CA ASP C 31 22.50 -11.57 12.35
C ASP C 31 21.78 -10.82 11.23
N ARG C 32 22.34 -10.86 10.01
CA ARG C 32 21.79 -10.17 8.83
C ARG C 32 21.20 -11.11 7.79
N ALA C 33 21.43 -12.43 7.92
CA ALA C 33 21.11 -13.42 6.88
C ALA C 33 19.80 -14.22 7.06
N VAL C 34 19.27 -14.67 5.92
CA VAL C 34 18.10 -15.54 5.78
C VAL C 34 18.53 -16.63 4.82
N LEU C 35 18.22 -17.90 5.13
CA LEU C 35 18.51 -19.02 4.25
C LEU C 35 17.23 -19.33 3.45
N LEU C 36 17.33 -19.21 2.12
CA LEU C 36 16.19 -19.53 1.26
C LEU C 36 16.40 -20.86 0.56
N ILE C 37 15.55 -21.86 0.88
CA ILE C 37 15.57 -23.17 0.23
C ILE C 37 14.50 -23.07 -0.88
N HIS C 38 14.98 -22.80 -2.10
CA HIS C 38 14.15 -22.48 -3.25
C HIS C 38 13.61 -23.68 -4.04
N ASP C 39 12.28 -23.82 -4.00
CA ASP C 39 11.47 -24.80 -4.75
C ASP C 39 11.98 -26.26 -4.67
N MET C 40 12.35 -26.69 -3.46
CA MET C 40 12.85 -28.07 -3.26
C MET C 40 11.69 -29.06 -3.08
N GLN C 41 10.71 -28.95 -3.97
CA GLN C 41 9.49 -29.77 -3.99
C GLN C 41 9.74 -31.02 -4.79
N LYS C 42 9.07 -32.11 -4.43
CA LYS C 42 9.18 -33.40 -5.12
C LYS C 42 8.91 -33.27 -6.61
N TYR C 43 7.95 -32.43 -6.99
CA TYR C 43 7.60 -32.19 -8.39
C TYR C 43 8.82 -31.74 -9.21
N PHE C 44 9.58 -30.73 -8.72
CA PHE C 44 10.75 -30.20 -9.42
C PHE C 44 11.95 -31.13 -9.40
N ILE C 45 12.15 -31.86 -8.29
CA ILE C 45 13.27 -32.79 -8.16
C ILE C 45 13.02 -34.06 -8.97
N ASN C 46 11.74 -34.39 -9.26
CA ASN C 46 11.34 -35.56 -10.08
C ASN C 46 11.81 -35.46 -11.52
N PHE C 47 12.18 -34.26 -12.00
CA PHE C 47 12.66 -34.11 -13.38
C PHE C 47 14.08 -34.69 -13.55
N PHE C 48 14.80 -34.90 -12.42
CA PHE C 48 16.11 -35.54 -12.36
C PHE C 48 15.93 -36.98 -11.93
N ASP C 49 16.99 -37.80 -12.12
CA ASP C 49 17.01 -39.14 -11.59
C ASP C 49 17.62 -38.93 -10.19
N HIS C 50 16.78 -39.05 -9.16
CA HIS C 50 17.08 -38.90 -7.73
C HIS C 50 18.34 -39.63 -7.26
N SER C 51 18.53 -40.86 -7.73
CA SER C 51 19.70 -41.70 -7.38
C SER C 51 21.02 -41.27 -8.07
N GLN C 52 20.93 -40.37 -9.05
CA GLN C 52 22.06 -39.88 -9.84
C GLN C 52 22.41 -38.42 -9.56
N ALA C 53 23.69 -38.05 -9.79
CA ALA C 53 24.21 -36.68 -9.65
C ALA C 53 23.38 -35.72 -10.54
N PRO C 54 23.04 -34.49 -10.08
CA PRO C 54 23.53 -33.79 -8.88
C PRO C 54 22.74 -34.02 -7.60
N VAL C 55 21.60 -34.72 -7.69
CA VAL C 55 20.62 -34.84 -6.60
C VAL C 55 21.22 -35.30 -5.24
N PRO C 56 22.00 -36.41 -5.09
CA PRO C 56 22.50 -36.74 -3.75
C PRO C 56 23.39 -35.67 -3.12
N GLU C 57 24.27 -35.04 -3.91
CA GLU C 57 25.16 -33.98 -3.40
C GLU C 57 24.33 -32.73 -3.06
N LEU C 58 23.34 -32.38 -3.93
CA LEU C 58 22.45 -31.24 -3.73
C LEU C 58 21.69 -31.35 -2.40
N LEU C 59 21.09 -32.53 -2.13
CA LEU C 59 20.34 -32.79 -0.91
C LEU C 59 21.23 -32.78 0.33
N ALA C 60 22.41 -33.39 0.26
CA ALA C 60 23.36 -33.43 1.40
C ALA C 60 23.89 -32.04 1.74
N ASN C 61 24.27 -31.24 0.72
CA ASN C 61 24.77 -29.88 0.92
C ASN C 61 23.69 -28.91 1.46
N ILE C 62 22.44 -29.02 0.98
CA ILE C 62 21.36 -28.16 1.50
C ILE C 62 21.06 -28.55 2.95
N SER C 63 21.01 -29.88 3.23
CA SER C 63 20.76 -30.42 4.56
C SER C 63 21.82 -29.93 5.55
N GLU C 64 23.10 -29.95 5.16
CA GLU C 64 24.21 -29.48 6.01
C GLU C 64 24.10 -27.97 6.31
N LEU C 65 23.87 -27.17 5.29
CA LEU C 65 23.71 -25.72 5.35
C LEU C 65 22.50 -25.33 6.20
N LYS C 66 21.37 -26.07 6.05
CA LYS C 66 20.14 -25.87 6.82
C LYS C 66 20.41 -26.07 8.32
N SER C 67 21.14 -27.13 8.67
CA SER C 67 21.50 -27.46 10.05
C SER C 67 22.36 -26.34 10.66
N LEU C 68 23.34 -25.84 9.89
CA LEU C 68 24.24 -24.76 10.27
C LEU C 68 23.44 -23.47 10.56
N ALA C 69 22.48 -23.14 9.69
CA ALA C 69 21.59 -21.98 9.78
C ALA C 69 20.77 -22.06 11.07
N ARG C 70 20.20 -23.24 11.39
CA ARG C 70 19.42 -23.46 12.62
C ARG C 70 20.26 -23.26 13.88
N GLN C 71 21.52 -23.74 13.85
CA GLN C 71 22.48 -23.59 14.95
C GLN C 71 22.89 -22.11 15.12
N ALA C 72 22.97 -21.36 14.01
CA ALA C 72 23.38 -19.95 14.01
C ALA C 72 22.20 -18.98 14.19
N ASN C 73 20.97 -19.53 14.36
CA ASN C 73 19.70 -18.78 14.50
C ASN C 73 19.38 -17.94 13.24
N ILE C 74 19.79 -18.47 12.07
CA ILE C 74 19.52 -17.86 10.77
C ILE C 74 18.14 -18.40 10.33
N PRO C 75 17.11 -17.52 10.13
CA PRO C 75 15.80 -18.01 9.68
C PRO C 75 15.89 -18.82 8.40
N VAL C 76 15.16 -19.95 8.36
CA VAL C 76 15.08 -20.84 7.21
C VAL C 76 13.72 -20.64 6.57
N VAL C 77 13.72 -20.31 5.26
CA VAL C 77 12.52 -20.05 4.48
C VAL C 77 12.48 -20.99 3.27
N TYR C 78 11.40 -21.74 3.13
CA TYR C 78 11.18 -22.62 1.99
C TYR C 78 10.17 -21.94 1.06
N THR C 79 10.36 -22.08 -0.25
CA THR C 79 9.40 -21.63 -1.23
C THR C 79 8.80 -22.87 -1.89
N ALA C 80 7.51 -22.82 -2.19
CA ALA C 80 6.80 -23.93 -2.81
C ALA C 80 5.65 -23.41 -3.67
N GLN C 81 5.55 -23.93 -4.89
CA GLN C 81 4.46 -23.57 -5.78
C GLN C 81 3.20 -24.33 -5.35
N PRO C 82 2.02 -23.68 -5.30
CA PRO C 82 0.81 -24.40 -4.87
C PRO C 82 0.18 -25.20 -6.03
N PRO C 83 -0.62 -26.27 -5.75
CA PRO C 83 -1.27 -26.99 -6.86
C PRO C 83 -2.54 -26.30 -7.36
N ASN C 84 -3.00 -26.70 -8.57
CA ASN C 84 -4.26 -26.26 -9.19
C ASN C 84 -4.48 -24.76 -9.10
N GLN C 85 -3.48 -24.03 -9.60
CA GLN C 85 -3.46 -22.59 -9.61
C GLN C 85 -4.53 -22.01 -10.49
N ASP C 86 -5.11 -20.91 -10.02
CA ASP C 86 -6.10 -20.14 -10.77
C ASP C 86 -5.32 -19.55 -11.99
N PRO C 87 -5.79 -19.82 -13.25
CA PRO C 87 -5.07 -19.30 -14.44
C PRO C 87 -4.79 -17.79 -14.42
N ILE C 88 -5.67 -16.98 -13.78
CA ILE C 88 -5.51 -15.53 -13.68
C ILE C 88 -4.30 -15.21 -12.80
N GLU C 89 -4.14 -15.98 -11.73
CA GLU C 89 -3.03 -15.83 -10.78
C GLU C 89 -1.74 -16.38 -11.36
N ARG C 90 -1.81 -17.51 -12.10
CA ARG C 90 -0.64 -18.13 -12.72
C ARG C 90 -0.14 -17.27 -13.89
N ALA C 91 -1.09 -16.66 -14.62
CA ALA C 91 -0.91 -15.75 -15.73
C ALA C 91 0.06 -16.28 -16.83
N LEU C 92 1.06 -15.48 -17.24
CA LEU C 92 2.00 -15.76 -18.35
C LEU C 92 2.89 -17.00 -18.19
N LEU C 93 2.99 -17.60 -16.98
CA LEU C 93 3.78 -18.82 -16.78
C LEU C 93 3.22 -19.98 -17.59
N THR C 94 1.87 -20.04 -17.72
CA THR C 94 1.13 -21.06 -18.46
C THR C 94 1.62 -21.14 -19.91
N ASP C 95 1.93 -20.00 -20.53
CA ASP C 95 2.40 -19.90 -21.92
C ASP C 95 3.73 -20.62 -22.12
N PHE C 96 4.58 -20.66 -21.05
CA PHE C 96 5.87 -21.35 -21.09
C PHE C 96 5.89 -22.77 -20.52
N TRP C 97 5.16 -23.03 -19.42
CA TRP C 97 5.25 -24.29 -18.69
C TRP C 97 3.97 -25.09 -18.56
N GLY C 98 2.89 -24.62 -19.15
CA GLY C 98 1.60 -25.28 -18.98
C GLY C 98 0.88 -24.81 -17.70
N THR C 99 -0.26 -25.46 -17.38
CA THR C 99 -1.14 -25.04 -16.29
C THR C 99 -0.58 -25.30 -14.88
N GLY C 100 0.58 -25.96 -14.77
CA GLY C 100 1.28 -26.13 -13.49
C GLY C 100 1.06 -27.43 -12.75
N LEU C 101 1.83 -27.64 -11.69
CA LEU C 101 1.76 -28.84 -10.84
C LEU C 101 0.39 -28.99 -10.15
N THR C 102 -0.01 -30.24 -9.94
CA THR C 102 -1.27 -30.65 -9.28
C THR C 102 -0.98 -31.68 -8.17
N LYS C 103 0.24 -32.26 -8.20
CA LYS C 103 0.74 -33.29 -7.29
C LYS C 103 2.18 -32.96 -6.90
N ASP C 104 2.72 -33.71 -5.91
CA ASP C 104 4.09 -33.64 -5.39
C ASP C 104 4.52 -32.23 -5.01
N THR C 105 3.62 -31.53 -4.29
CA THR C 105 3.83 -30.15 -3.85
C THR C 105 4.65 -30.08 -2.56
N GLU C 106 4.78 -31.22 -1.89
CA GLU C 106 5.53 -31.31 -0.66
C GLU C 106 7.04 -31.18 -0.91
N ILE C 107 7.77 -30.69 0.09
CA ILE C 107 9.22 -30.57 0.09
C ILE C 107 9.78 -32.00 0.11
N VAL C 108 10.88 -32.26 -0.64
CA VAL C 108 11.57 -33.58 -0.64
C VAL C 108 11.83 -33.99 0.81
N SER C 109 11.54 -35.24 1.16
CA SER C 109 11.60 -35.80 2.51
C SER C 109 12.92 -35.54 3.25
N GLU C 110 14.05 -35.54 2.51
CA GLU C 110 15.41 -35.30 3.01
C GLU C 110 15.54 -33.89 3.56
N LEU C 111 14.72 -32.94 3.05
CA LEU C 111 14.74 -31.53 3.47
C LEU C 111 13.42 -31.06 4.12
N SER C 112 12.59 -31.98 4.64
CA SER C 112 11.32 -31.66 5.29
C SER C 112 11.47 -30.56 6.32
N PRO C 113 10.65 -29.47 6.26
CA PRO C 113 10.79 -28.39 7.26
C PRO C 113 10.58 -28.87 8.69
N GLU C 114 11.37 -28.33 9.63
CA GLU C 114 11.31 -28.63 11.05
C GLU C 114 10.61 -27.47 11.79
N ASP C 115 10.34 -27.62 13.11
CA ASP C 115 9.69 -26.60 13.93
C ASP C 115 10.49 -25.30 13.94
N GLY C 116 9.86 -24.19 13.55
CA GLY C 116 10.51 -22.89 13.48
C GLY C 116 10.75 -22.43 12.06
N ASP C 117 10.84 -23.37 11.09
CA ASP C 117 11.02 -23.08 9.67
C ASP C 117 9.73 -22.53 9.09
N ILE C 118 9.85 -21.68 8.08
CA ILE C 118 8.72 -21.02 7.42
C ILE C 118 8.61 -21.47 5.98
N GLN C 119 7.39 -21.63 5.48
CA GLN C 119 7.14 -21.92 4.09
C GLN C 119 6.28 -20.80 3.44
N TYR C 120 6.73 -20.24 2.30
CA TYR C 120 5.96 -19.27 1.55
C TYR C 120 5.50 -19.86 0.24
N THR C 121 4.25 -19.55 -0.14
CA THR C 121 3.65 -19.97 -1.39
C THR C 121 4.34 -19.15 -2.51
N LYS C 122 4.86 -19.87 -3.53
CA LYS C 122 5.63 -19.34 -4.66
C LYS C 122 4.77 -19.20 -5.90
N TRP C 123 4.71 -18.00 -6.48
CA TRP C 123 3.89 -17.67 -7.65
C TRP C 123 4.65 -17.36 -8.92
N ARG C 124 5.86 -16.87 -8.80
CA ARG C 124 6.68 -16.45 -9.94
C ARG C 124 8.10 -17.00 -9.79
N TYR C 125 8.98 -16.71 -10.78
CA TYR C 125 10.39 -17.12 -10.71
C TYR C 125 11.05 -16.55 -9.45
N SER C 126 10.77 -15.28 -9.15
CA SER C 126 11.30 -14.59 -7.99
C SER C 126 10.53 -14.92 -6.74
N ALA C 127 11.26 -15.25 -5.66
CA ALA C 127 10.68 -15.60 -4.35
C ALA C 127 10.11 -14.37 -3.66
N PHE C 128 10.35 -13.17 -4.24
CA PHE C 128 9.89 -11.89 -3.73
C PHE C 128 8.53 -11.46 -4.25
N LYS C 129 8.13 -11.96 -5.41
CA LYS C 129 6.86 -11.59 -6.03
C LYS C 129 5.69 -12.27 -5.33
N LYS C 130 4.73 -11.46 -4.81
CA LYS C 130 3.51 -11.88 -4.14
C LYS C 130 3.77 -12.72 -2.88
N THR C 131 4.83 -12.45 -2.13
CA THR C 131 5.10 -13.23 -0.90
C THR C 131 5.42 -12.22 0.23
N PRO C 132 5.41 -12.62 1.53
CA PRO C 132 5.78 -11.68 2.62
C PRO C 132 7.29 -11.54 2.84
N LEU C 133 8.13 -12.09 1.93
CA LEU C 133 9.58 -12.15 2.04
C LEU C 133 10.24 -10.82 2.27
N LEU C 134 10.02 -9.84 1.38
CA LEU C 134 10.65 -8.51 1.56
C LEU C 134 10.18 -7.85 2.88
N GLU C 135 8.87 -7.92 3.16
CA GLU C 135 8.25 -7.34 4.35
C GLU C 135 8.86 -7.90 5.63
N ARG C 136 9.03 -9.23 5.71
CA ARG C 136 9.63 -9.89 6.87
C ARG C 136 11.11 -9.56 7.02
N MET C 137 11.81 -9.43 5.89
CA MET C 137 13.25 -9.14 5.89
C MET C 137 13.50 -7.74 6.39
N LYS C 138 12.68 -6.79 5.92
CA LYS C 138 12.72 -5.37 6.37
C LYS C 138 12.39 -5.28 7.86
N GLU C 139 11.30 -5.96 8.30
CA GLU C 139 10.85 -5.99 9.71
C GLU C 139 11.89 -6.54 10.68
N THR C 140 12.73 -7.50 10.28
CA THR C 140 13.72 -8.11 11.15
C THR C 140 15.15 -7.58 10.91
N GLN C 141 15.30 -6.56 10.00
CA GLN C 141 16.58 -5.93 9.61
C GLN C 141 17.61 -6.95 9.06
N ARG C 142 17.10 -7.86 8.20
CA ARG C 142 17.93 -8.86 7.56
C ARG C 142 18.05 -8.46 6.10
N ASP C 143 19.30 -8.22 5.65
CA ASP C 143 19.57 -7.73 4.29
C ASP C 143 20.51 -8.64 3.48
N GLN C 144 20.59 -9.93 3.85
CA GLN C 144 21.43 -10.92 3.15
C GLN C 144 20.59 -12.15 2.90
N LEU C 145 20.54 -12.61 1.65
CA LEU C 145 19.80 -13.81 1.27
C LEU C 145 20.73 -14.90 0.74
N ILE C 146 20.80 -16.03 1.48
CA ILE C 146 21.59 -17.19 1.08
C ILE C 146 20.62 -18.03 0.27
N ILE C 147 20.93 -18.25 -1.02
CA ILE C 147 20.05 -18.95 -1.95
C ILE C 147 20.59 -20.32 -2.33
N VAL C 148 19.76 -21.34 -2.08
CA VAL C 148 20.03 -22.74 -2.42
C VAL C 148 18.76 -23.29 -3.12
N GLY C 149 18.89 -24.41 -3.82
CA GLY C 149 17.76 -25.06 -4.48
C GLY C 149 17.82 -25.13 -5.99
N VAL C 150 16.63 -25.22 -6.62
CA VAL C 150 16.50 -25.37 -8.08
C VAL C 150 15.52 -24.34 -8.67
N TYR C 151 15.66 -23.94 -9.97
CA TYR C 151 16.74 -24.24 -10.91
C TYR C 151 17.60 -23.02 -10.98
N ALA C 152 18.92 -23.19 -11.03
CA ALA C 152 19.87 -22.08 -11.03
C ALA C 152 19.53 -20.93 -12.03
N HIS C 153 19.37 -21.23 -13.33
CA HIS C 153 19.16 -20.18 -14.33
C HIS C 153 17.75 -19.58 -14.36
N ILE C 154 16.79 -20.16 -13.64
CA ILE C 154 15.42 -19.66 -13.67
C ILE C 154 15.07 -18.93 -12.34
N GLY C 155 14.47 -19.66 -11.40
CA GLY C 155 14.04 -19.12 -10.11
C GLY C 155 15.16 -18.61 -9.22
N ILE C 156 16.29 -19.32 -9.17
CA ILE C 156 17.44 -18.88 -8.35
C ILE C 156 17.93 -17.53 -8.92
N LEU C 157 18.13 -17.46 -10.24
CA LEU C 157 18.61 -16.24 -10.90
C LEU C 157 17.66 -15.04 -10.70
N SER C 158 16.34 -15.23 -10.94
CA SER C 158 15.33 -14.15 -10.77
C SER C 158 15.23 -13.69 -9.33
N THR C 159 15.30 -14.64 -8.36
CA THR C 159 15.29 -14.30 -6.93
C THR C 159 16.52 -13.44 -6.56
N ALA C 160 17.72 -13.83 -7.04
CA ALA C 160 18.96 -13.09 -6.76
C ALA C 160 18.95 -11.66 -7.34
N LEU C 161 18.40 -11.47 -8.56
CA LEU C 161 18.24 -10.19 -9.27
C LEU C 161 17.26 -9.26 -8.50
N ASP C 162 16.12 -9.79 -8.02
CA ASP C 162 15.14 -9.03 -7.23
C ASP C 162 15.77 -8.71 -5.90
N ALA C 163 16.39 -9.70 -5.19
CA ALA C 163 17.10 -9.42 -3.93
C ALA C 163 18.00 -8.19 -4.08
N PHE C 164 18.94 -8.24 -5.03
CA PHE C 164 19.89 -7.18 -5.34
C PHE C 164 19.19 -5.87 -5.58
N MET C 165 18.10 -5.89 -6.40
CA MET C 165 17.34 -4.66 -6.73
C MET C 165 16.56 -4.08 -5.55
N LEU C 166 16.20 -4.93 -4.60
CA LEU C 166 15.48 -4.59 -3.38
C LEU C 166 16.45 -4.30 -2.21
N ASP C 167 17.76 -4.09 -2.52
CA ASP C 167 18.80 -3.77 -1.51
C ASP C 167 19.12 -4.93 -0.55
N ILE C 168 18.88 -6.18 -0.99
CA ILE C 168 19.22 -7.37 -0.23
C ILE C 168 20.41 -8.00 -0.97
N GLN C 169 21.52 -8.27 -0.24
CA GLN C 169 22.72 -8.91 -0.81
C GLN C 169 22.46 -10.39 -1.11
N PRO C 170 22.43 -10.83 -2.39
CA PRO C 170 22.21 -12.26 -2.66
C PRO C 170 23.50 -13.08 -2.65
N PHE C 171 23.45 -14.25 -1.99
CA PHE C 171 24.58 -15.19 -1.89
C PHE C 171 24.14 -16.51 -2.45
N VAL C 172 24.50 -16.78 -3.71
CA VAL C 172 24.11 -18.00 -4.37
C VAL C 172 25.16 -19.08 -4.04
N VAL C 173 24.73 -20.18 -3.42
CA VAL C 173 25.67 -21.26 -3.06
C VAL C 173 25.81 -22.18 -4.28
N GLY C 174 26.90 -21.97 -5.02
CA GLY C 174 27.21 -22.69 -6.25
C GLY C 174 27.16 -24.20 -6.16
N ASP C 175 27.52 -24.78 -4.98
CA ASP C 175 27.47 -26.23 -4.81
C ASP C 175 26.22 -26.69 -4.05
N ALA C 176 25.25 -25.78 -3.82
CA ALA C 176 23.97 -26.13 -3.20
C ALA C 176 22.78 -25.69 -4.10
N VAL C 177 23.05 -25.60 -5.42
CA VAL C 177 22.07 -25.32 -6.47
C VAL C 177 22.20 -26.39 -7.57
N ALA C 178 21.13 -26.60 -8.35
CA ALA C 178 21.16 -27.52 -9.47
C ALA C 178 20.37 -26.90 -10.61
N ASP C 179 20.60 -27.37 -11.84
CA ASP C 179 19.98 -26.77 -13.00
C ASP C 179 19.63 -27.80 -14.03
N PHE C 180 19.14 -27.37 -15.22
CA PHE C 180 18.80 -28.23 -16.35
C PHE C 180 20.03 -28.92 -16.91
N SER C 181 21.23 -28.31 -16.74
CA SER C 181 22.52 -28.83 -17.19
C SER C 181 23.68 -28.17 -16.44
N LEU C 182 24.90 -28.69 -16.68
CA LEU C 182 26.13 -28.14 -16.10
C LEU C 182 26.45 -26.80 -16.76
N GLU C 183 26.16 -26.69 -18.06
CA GLU C 183 26.35 -25.49 -18.88
C GLU C 183 25.49 -24.35 -18.32
N ASP C 184 24.18 -24.61 -18.07
CA ASP C 184 23.26 -23.64 -17.48
C ASP C 184 23.72 -23.25 -16.06
N HIS C 185 24.18 -24.25 -15.28
CA HIS C 185 24.65 -24.08 -13.91
C HIS C 185 25.81 -23.11 -13.89
N HIS C 186 26.84 -23.36 -14.73
CA HIS C 186 28.02 -22.50 -14.83
C HIS C 186 27.72 -21.08 -15.33
N HIS C 187 26.88 -20.93 -16.37
CA HIS C 187 26.48 -19.64 -16.95
C HIS C 187 25.77 -18.76 -15.88
N THR C 188 24.90 -19.37 -15.04
CA THR C 188 24.20 -18.66 -13.96
C THR C 188 25.21 -18.09 -12.96
N LEU C 189 26.14 -18.91 -12.47
CA LEU C 189 27.16 -18.48 -11.50
C LEU C 189 27.98 -17.32 -12.05
N LYS C 190 28.37 -17.39 -13.34
CA LYS C 190 29.14 -16.35 -14.01
C LYS C 190 28.33 -15.05 -14.06
N TYR C 191 27.03 -15.14 -14.43
CA TYR C 191 26.13 -13.99 -14.47
C TYR C 191 25.99 -13.35 -13.09
N ILE C 192 25.85 -14.18 -12.02
CA ILE C 192 25.71 -13.67 -10.64
C ILE C 192 26.93 -12.86 -10.22
N THR C 193 28.15 -13.47 -10.31
CA THR C 193 29.42 -12.82 -9.93
C THR C 193 29.66 -11.53 -10.65
N GLU C 194 29.24 -11.44 -11.92
CA GLU C 194 29.48 -10.29 -12.79
C GLU C 194 28.49 -9.16 -12.62
N ARG C 195 27.20 -9.46 -12.32
CA ARG C 195 26.16 -8.44 -12.32
C ARG C 195 25.20 -8.38 -11.16
N VAL C 196 25.11 -9.44 -10.36
CA VAL C 196 24.08 -9.53 -9.32
C VAL C 196 24.60 -9.58 -7.88
N GLY C 197 25.49 -10.50 -7.60
CA GLY C 197 25.94 -10.67 -6.22
C GLY C 197 27.08 -11.63 -6.03
N CYS C 198 27.01 -12.38 -4.94
CA CYS C 198 28.06 -13.28 -4.52
C CYS C 198 27.76 -14.74 -4.79
N VAL C 199 28.75 -15.45 -5.35
CA VAL C 199 28.68 -16.91 -5.56
C VAL C 199 29.61 -17.47 -4.51
N THR C 200 29.03 -18.25 -3.59
CA THR C 200 29.79 -18.85 -2.51
C THR C 200 29.68 -20.39 -2.59
N SER C 201 30.34 -21.09 -1.68
CA SER C 201 30.34 -22.54 -1.59
C SER C 201 30.01 -22.94 -0.17
N LEU C 202 29.65 -24.21 0.01
CA LEU C 202 29.36 -24.80 1.32
C LEU C 202 30.56 -24.62 2.29
N GLU C 203 31.80 -24.93 1.83
CA GLU C 203 33.03 -24.83 2.62
C GLU C 203 33.34 -23.40 3.07
N ALA C 204 33.19 -22.40 2.17
CA ALA C 204 33.42 -20.99 2.48
C ALA C 204 32.35 -20.42 3.42
N LEU C 205 31.16 -21.02 3.38
CA LEU C 205 30.02 -20.57 4.18
C LEU C 205 30.01 -21.09 5.60
N LYS C 206 30.62 -22.25 5.84
CA LYS C 206 30.72 -22.86 7.17
C LYS C 206 31.31 -21.88 8.22
N PRO C 207 32.49 -21.22 8.02
CA PRO C 207 33.00 -20.30 9.06
C PRO C 207 32.23 -18.98 9.18
N GLN C 208 31.63 -18.50 8.06
CA GLN C 208 30.84 -17.25 8.01
C GLN C 208 29.61 -17.32 8.91
N MET C 209 29.15 -18.57 9.23
CA MET C 209 28.01 -18.87 10.10
C MET C 209 28.34 -19.98 11.10
N ALA D 4 32.94 -1.08 -13.01
CA ALA D 4 33.16 -0.11 -14.08
C ALA D 4 32.76 -0.64 -15.47
N ILE D 5 32.00 0.18 -16.25
CA ILE D 5 31.55 -0.14 -17.60
C ILE D 5 32.74 -0.09 -18.56
N PRO D 6 32.95 -1.16 -19.35
CA PRO D 6 34.10 -1.17 -20.27
C PRO D 6 33.86 -0.46 -21.60
N LYS D 7 34.95 -0.15 -22.33
CA LYS D 7 34.85 0.39 -23.69
C LYS D 7 34.41 -0.82 -24.54
N ILE D 8 33.24 -0.69 -25.15
CA ILE D 8 32.64 -1.76 -25.94
C ILE D 8 33.25 -1.79 -27.33
N ALA D 9 33.79 -2.96 -27.72
CA ALA D 9 34.37 -3.19 -29.05
C ALA D 9 33.22 -3.27 -30.07
N SER D 10 33.47 -2.78 -31.29
CA SER D 10 32.50 -2.76 -32.38
C SER D 10 32.03 -4.15 -32.81
N TYR D 11 30.72 -4.29 -33.08
CA TYR D 11 30.10 -5.53 -33.56
C TYR D 11 28.83 -5.21 -34.35
N SER D 12 28.45 -6.09 -35.29
CA SER D 12 27.24 -5.89 -36.06
C SER D 12 26.03 -6.49 -35.37
N ILE D 13 24.91 -5.75 -35.37
CA ILE D 13 23.63 -6.22 -34.82
C ILE D 13 23.27 -7.50 -35.60
N PRO D 14 22.97 -8.64 -34.92
CA PRO D 14 22.63 -9.86 -35.66
C PRO D 14 21.38 -9.72 -36.54
N LEU D 15 21.31 -10.50 -37.62
CA LEU D 15 20.19 -10.50 -38.56
C LEU D 15 19.06 -11.34 -37.98
N ALA D 16 17.80 -10.93 -38.23
CA ALA D 16 16.57 -11.58 -37.74
C ALA D 16 16.53 -13.09 -37.98
N GLU D 17 17.15 -13.54 -39.09
CA GLU D 17 17.24 -14.96 -39.48
C GLU D 17 18.08 -15.77 -38.48
N THR D 18 19.02 -15.11 -37.76
CA THR D 18 19.86 -15.74 -36.74
C THR D 18 19.21 -15.74 -35.34
N PHE D 19 18.09 -14.98 -35.15
CA PHE D 19 17.39 -14.93 -33.86
C PHE D 19 16.82 -16.29 -33.46
N PRO D 20 16.84 -16.65 -32.17
CA PRO D 20 16.31 -17.97 -31.76
C PRO D 20 14.80 -18.06 -31.94
N LYS D 21 14.27 -19.28 -32.10
CA LYS D 21 12.83 -19.50 -32.27
C LYS D 21 12.05 -19.24 -30.98
N ASN D 22 10.94 -18.48 -31.11
CA ASN D 22 10.05 -18.15 -30.00
C ASN D 22 9.24 -19.38 -29.56
N LYS D 23 9.13 -19.56 -28.25
CA LYS D 23 8.37 -20.63 -27.60
C LYS D 23 6.91 -20.16 -27.56
N VAL D 24 6.71 -18.86 -27.31
CA VAL D 24 5.38 -18.24 -27.21
C VAL D 24 4.97 -17.62 -28.53
N HIS D 25 3.66 -17.55 -28.76
CA HIS D 25 3.13 -17.03 -30.02
C HIS D 25 2.30 -15.76 -29.78
N TRP D 26 2.93 -14.78 -29.15
CA TRP D 26 2.31 -13.49 -28.86
C TRP D 26 2.43 -12.55 -30.04
N HIS D 27 1.52 -11.60 -30.10
CA HIS D 27 1.51 -10.58 -31.14
C HIS D 27 1.16 -9.26 -30.52
N VAL D 28 1.90 -8.21 -30.92
CA VAL D 28 1.68 -6.84 -30.47
C VAL D 28 0.35 -6.31 -31.04
N GLN D 29 -0.48 -5.76 -30.15
CA GLN D 29 -1.75 -5.12 -30.48
C GLN D 29 -1.61 -3.70 -29.95
N ALA D 30 -1.72 -2.70 -30.84
CA ALA D 30 -1.58 -1.27 -30.56
C ALA D 30 -2.32 -0.79 -29.32
N ASP D 31 -3.57 -1.26 -29.11
CA ASP D 31 -4.42 -0.92 -27.96
C ASP D 31 -3.88 -1.44 -26.61
N ARG D 32 -2.98 -2.46 -26.65
CA ARG D 32 -2.43 -3.11 -25.45
C ARG D 32 -0.95 -2.80 -25.19
N ALA D 33 -0.26 -2.15 -26.15
CA ALA D 33 1.19 -1.97 -26.11
C ALA D 33 1.73 -0.62 -25.66
N VAL D 34 2.98 -0.65 -25.14
CA VAL D 34 3.78 0.50 -24.72
C VAL D 34 5.18 0.25 -25.33
N LEU D 35 5.80 1.28 -25.91
CA LEU D 35 7.17 1.18 -26.40
C LEU D 35 8.11 1.73 -25.32
N LEU D 36 9.05 0.90 -24.87
CA LEU D 36 10.04 1.32 -23.88
C LEU D 36 11.41 1.52 -24.52
N ILE D 37 11.89 2.75 -24.52
CA ILE D 37 13.23 3.11 -25.02
C ILE D 37 14.12 3.13 -23.76
N HIS D 38 14.85 2.03 -23.54
CA HIS D 38 15.61 1.76 -22.34
C HIS D 38 17.04 2.33 -22.30
N ASP D 39 17.26 3.26 -21.35
CA ASP D 39 18.54 3.90 -21.02
C ASP D 39 19.36 4.40 -22.23
N MET D 40 18.68 5.05 -23.20
CA MET D 40 19.35 5.57 -24.41
C MET D 40 19.95 6.94 -24.14
N GLN D 41 20.68 7.04 -23.02
CA GLN D 41 21.36 8.26 -22.56
C GLN D 41 22.75 8.30 -23.14
N LYS D 42 23.24 9.53 -23.39
CA LYS D 42 24.57 9.76 -23.95
C LYS D 42 25.66 9.06 -23.14
N TYR D 43 25.52 9.03 -21.79
CA TYR D 43 26.47 8.37 -20.90
C TYR D 43 26.69 6.89 -21.26
N PHE D 44 25.60 6.12 -21.45
CA PHE D 44 25.66 4.70 -21.81
C PHE D 44 26.10 4.44 -23.24
N ILE D 45 25.69 5.29 -24.19
CA ILE D 45 26.07 5.15 -25.60
C ILE D 45 27.53 5.55 -25.82
N ASN D 46 28.10 6.37 -24.91
CA ASN D 46 29.51 6.82 -24.96
C ASN D 46 30.51 5.69 -24.76
N PHE D 47 30.08 4.55 -24.18
CA PHE D 47 30.96 3.40 -23.98
C PHE D 47 31.30 2.70 -25.30
N PHE D 48 30.50 2.98 -26.34
CA PHE D 48 30.69 2.53 -27.71
C PHE D 48 31.33 3.66 -28.54
N ASP D 49 31.82 3.33 -29.74
CA ASP D 49 32.33 4.29 -30.70
C ASP D 49 31.12 4.58 -31.60
N HIS D 50 30.50 5.76 -31.41
CA HIS D 50 29.29 6.24 -32.09
C HIS D 50 29.24 5.99 -33.61
N SER D 51 30.36 6.22 -34.31
CA SER D 51 30.49 6.06 -35.77
C SER D 51 30.52 4.61 -36.24
N GLN D 52 30.70 3.66 -35.30
CA GLN D 52 30.80 2.24 -35.60
C GLN D 52 29.63 1.41 -35.08
N ALA D 53 29.38 0.26 -35.73
CA ALA D 53 28.35 -0.72 -35.40
C ALA D 53 28.54 -1.17 -33.95
N PRO D 54 27.45 -1.41 -33.19
CA PRO D 54 26.03 -1.44 -33.57
C PRO D 54 25.26 -0.11 -33.50
N VAL D 55 25.92 1.00 -33.11
CA VAL D 55 25.33 2.31 -32.84
C VAL D 55 24.50 2.88 -34.03
N PRO D 56 25.01 3.05 -35.29
CA PRO D 56 24.16 3.63 -36.34
C PRO D 56 22.88 2.86 -36.64
N GLU D 57 22.95 1.52 -36.70
CA GLU D 57 21.79 0.68 -36.94
C GLU D 57 20.82 0.74 -35.75
N LEU D 58 21.35 0.72 -34.50
CA LEU D 58 20.59 0.80 -33.25
C LEU D 58 19.74 2.08 -33.22
N LEU D 59 20.38 3.24 -33.52
CA LEU D 59 19.70 4.53 -33.53
C LEU D 59 18.65 4.63 -34.64
N ALA D 60 18.96 4.15 -35.86
CA ALA D 60 18.04 4.17 -36.99
C ALA D 60 16.81 3.29 -36.73
N ASN D 61 17.02 2.07 -36.21
CA ASN D 61 15.93 1.12 -35.90
C ASN D 61 15.02 1.61 -34.78
N ILE D 62 15.58 2.21 -33.69
CA ILE D 62 14.77 2.75 -32.59
C ILE D 62 13.97 3.97 -33.10
N SER D 63 14.61 4.84 -33.90
CA SER D 63 13.97 6.01 -34.50
C SER D 63 12.77 5.60 -35.40
N GLU D 64 12.95 4.57 -36.24
CA GLU D 64 11.90 4.06 -37.14
C GLU D 64 10.72 3.45 -36.35
N LEU D 65 11.02 2.62 -35.35
CA LEU D 65 10.04 2.00 -34.45
C LEU D 65 9.23 3.07 -33.67
N LYS D 66 9.92 4.13 -33.18
CA LYS D 66 9.33 5.22 -32.42
C LYS D 66 8.28 5.97 -33.24
N SER D 67 8.59 6.33 -34.52
CA SER D 67 7.65 7.05 -35.40
C SER D 67 6.39 6.24 -35.67
N LEU D 68 6.55 4.92 -35.83
CA LEU D 68 5.47 3.96 -36.07
C LEU D 68 4.53 3.99 -34.87
N ALA D 69 5.11 3.91 -33.66
CA ALA D 69 4.39 3.90 -32.39
C ALA D 69 3.51 5.11 -32.23
N ARG D 70 4.06 6.31 -32.48
CA ARG D 70 3.35 7.60 -32.39
C ARG D 70 2.15 7.62 -33.34
N GLN D 71 2.35 7.22 -34.61
CA GLN D 71 1.30 7.12 -35.64
C GLN D 71 0.22 6.11 -35.23
N ALA D 72 0.62 5.01 -34.54
CA ALA D 72 -0.23 3.93 -34.04
C ALA D 72 -0.83 4.20 -32.64
N ASN D 73 -0.56 5.39 -32.08
CA ASN D 73 -1.01 5.85 -30.76
C ASN D 73 -0.55 4.92 -29.62
N ILE D 74 0.64 4.32 -29.79
CA ILE D 74 1.28 3.47 -28.79
C ILE D 74 2.14 4.40 -27.92
N PRO D 75 1.85 4.50 -26.60
CA PRO D 75 2.67 5.38 -25.74
C PRO D 75 4.16 5.05 -25.79
N VAL D 76 4.99 6.09 -25.82
CA VAL D 76 6.45 5.98 -25.85
C VAL D 76 6.96 6.39 -24.48
N VAL D 77 7.72 5.50 -23.83
CA VAL D 77 8.29 5.69 -22.49
C VAL D 77 9.81 5.55 -22.56
N TYR D 78 10.53 6.56 -22.08
CA TYR D 78 11.99 6.55 -22.02
C TYR D 78 12.38 6.34 -20.57
N THR D 79 13.48 5.62 -20.33
CA THR D 79 14.05 5.45 -18.99
C THR D 79 15.40 6.14 -18.99
N ALA D 80 15.75 6.78 -17.87
CA ALA D 80 17.00 7.50 -17.73
C ALA D 80 17.44 7.51 -16.27
N GLN D 81 18.73 7.21 -16.04
CA GLN D 81 19.30 7.25 -14.71
C GLN D 81 19.56 8.74 -14.36
N PRO D 82 19.23 9.18 -13.13
CA PRO D 82 19.49 10.58 -12.78
C PRO D 82 20.95 10.83 -12.34
N PRO D 83 21.50 12.06 -12.48
CA PRO D 83 22.88 12.30 -11.98
C PRO D 83 22.92 12.55 -10.47
N ASN D 84 24.13 12.47 -9.88
CA ASN D 84 24.42 12.73 -8.46
C ASN D 84 23.42 12.06 -7.52
N GLN D 85 23.30 10.76 -7.70
CA GLN D 85 22.39 9.93 -6.92
C GLN D 85 22.79 9.85 -5.47
N ASP D 86 21.81 9.91 -4.58
CA ASP D 86 22.02 9.71 -3.14
C ASP D 86 22.55 8.23 -2.99
N PRO D 87 23.75 8.01 -2.40
CA PRO D 87 24.27 6.63 -2.24
C PRO D 87 23.32 5.64 -1.57
N ILE D 88 22.43 6.13 -0.68
CA ILE D 88 21.47 5.26 0.02
C ILE D 88 20.42 4.76 -0.97
N GLU D 89 20.01 5.65 -1.89
CA GLU D 89 19.05 5.34 -2.96
C GLU D 89 19.66 4.46 -4.03
N ARG D 90 20.94 4.71 -4.36
CA ARG D 90 21.69 3.96 -5.36
C ARG D 90 22.00 2.54 -4.84
N ALA D 91 22.28 2.44 -3.54
CA ALA D 91 22.48 1.22 -2.78
C ALA D 91 23.55 0.26 -3.39
N LEU D 92 23.23 -1.03 -3.50
CA LEU D 92 24.15 -2.10 -3.94
C LEU D 92 24.71 -1.94 -5.37
N LEU D 93 24.11 -1.09 -6.21
CA LEU D 93 24.67 -0.81 -7.55
C LEU D 93 26.12 -0.30 -7.49
N THR D 94 26.45 0.48 -6.44
CA THR D 94 27.77 1.09 -6.20
C THR D 94 28.86 0.04 -6.12
N ASP D 95 28.55 -1.10 -5.49
CA ASP D 95 29.47 -2.22 -5.29
C ASP D 95 29.95 -2.79 -6.64
N PHE D 96 29.08 -2.72 -7.67
CA PHE D 96 29.37 -3.19 -9.02
C PHE D 96 29.83 -2.11 -9.99
N TRP D 97 29.19 -0.91 -9.98
CA TRP D 97 29.42 0.11 -10.98
C TRP D 97 29.97 1.46 -10.50
N GLY D 98 30.22 1.61 -9.20
CA GLY D 98 30.65 2.87 -8.66
C GLY D 98 29.49 3.80 -8.35
N THR D 99 29.79 5.05 -7.98
CA THR D 99 28.79 6.04 -7.52
C THR D 99 27.84 6.58 -8.61
N GLY D 100 28.05 6.24 -9.88
CA GLY D 100 27.14 6.60 -10.96
C GLY D 100 27.45 7.86 -11.73
N LEU D 101 26.67 8.11 -12.81
CA LEU D 101 26.81 9.30 -13.68
C LEU D 101 26.54 10.60 -12.97
N THR D 102 27.23 11.62 -13.42
CA THR D 102 27.10 13.00 -12.99
C THR D 102 26.91 13.90 -14.23
N LYS D 103 27.17 13.34 -15.43
CA LYS D 103 27.14 13.99 -16.74
C LYS D 103 26.45 13.08 -17.77
N ASP D 104 26.11 13.67 -18.94
CA ASP D 104 25.53 13.03 -20.13
C ASP D 104 24.28 12.22 -19.82
N THR D 105 23.38 12.81 -19.03
CA THR D 105 22.13 12.19 -18.58
C THR D 105 21.03 12.31 -19.64
N GLU D 106 21.25 13.21 -20.61
CA GLU D 106 20.28 13.44 -21.67
C GLU D 106 20.21 12.26 -22.62
N ILE D 107 19.05 12.08 -23.25
CA ILE D 107 18.79 11.06 -24.25
C ILE D 107 19.61 11.47 -25.48
N VAL D 108 20.21 10.50 -26.20
CA VAL D 108 20.99 10.76 -27.43
C VAL D 108 20.12 11.61 -28.38
N SER D 109 20.70 12.69 -28.94
CA SER D 109 20.00 13.67 -29.78
C SER D 109 19.15 13.06 -30.91
N GLU D 110 19.60 11.94 -31.48
CA GLU D 110 18.92 11.20 -32.56
C GLU D 110 17.55 10.66 -32.09
N LEU D 111 17.42 10.39 -30.77
CA LEU D 111 16.20 9.86 -30.16
C LEU D 111 15.55 10.80 -29.13
N SER D 112 15.81 12.11 -29.24
CA SER D 112 15.26 13.12 -28.33
C SER D 112 13.74 13.00 -28.18
N PRO D 113 13.21 12.90 -26.94
CA PRO D 113 11.74 12.80 -26.78
C PRO D 113 10.98 13.98 -27.38
N GLU D 114 9.81 13.70 -27.97
CA GLU D 114 8.92 14.66 -28.60
C GLU D 114 7.69 14.89 -27.68
N ASP D 115 6.80 15.84 -28.06
CA ASP D 115 5.59 16.17 -27.29
C ASP D 115 4.67 14.95 -27.14
N GLY D 116 4.38 14.60 -25.90
CA GLY D 116 3.53 13.45 -25.61
C GLY D 116 4.31 12.28 -25.05
N ASP D 117 5.63 12.19 -25.36
CA ASP D 117 6.50 11.12 -24.83
C ASP D 117 6.75 11.31 -23.34
N ILE D 118 6.88 10.22 -22.58
CA ILE D 118 7.08 10.23 -21.12
C ILE D 118 8.48 9.72 -20.78
N GLN D 119 9.10 10.32 -19.75
CA GLN D 119 10.39 9.89 -19.26
C GLN D 119 10.27 9.49 -17.80
N TYR D 120 10.77 8.30 -17.44
CA TYR D 120 10.80 7.86 -16.04
C TYR D 120 12.24 7.80 -15.57
N THR D 121 12.48 8.25 -14.33
CA THR D 121 13.78 8.19 -13.66
C THR D 121 14.03 6.72 -13.31
N LYS D 122 15.18 6.19 -13.76
CA LYS D 122 15.63 4.80 -13.63
C LYS D 122 16.60 4.62 -12.46
N TRP D 123 16.26 3.72 -11.52
CA TRP D 123 17.05 3.44 -10.32
C TRP D 123 17.73 2.08 -10.26
N ARG D 124 17.18 1.08 -10.97
CA ARG D 124 17.67 -0.29 -10.93
C ARG D 124 17.73 -0.82 -12.35
N TYR D 125 18.24 -2.04 -12.55
CA TYR D 125 18.29 -2.71 -13.86
C TYR D 125 16.90 -2.77 -14.49
N SER D 126 15.88 -3.12 -13.69
CA SER D 126 14.49 -3.19 -14.12
C SER D 126 13.85 -1.82 -14.15
N ALA D 127 13.14 -1.50 -15.26
CA ALA D 127 12.43 -0.22 -15.46
C ALA D 127 11.16 -0.18 -14.61
N PHE D 128 10.82 -1.29 -13.94
CA PHE D 128 9.66 -1.38 -13.03
C PHE D 128 10.00 -1.00 -11.58
N LYS D 129 11.24 -1.09 -11.18
CA LYS D 129 11.61 -0.80 -9.79
C LYS D 129 11.65 0.69 -9.52
N LYS D 130 10.82 1.13 -8.56
CA LYS D 130 10.67 2.52 -8.07
C LYS D 130 10.21 3.48 -9.18
N THR D 131 9.33 2.99 -10.09
CA THR D 131 8.80 3.82 -11.19
C THR D 131 7.28 3.65 -11.28
N PRO D 132 6.55 4.59 -11.89
CA PRO D 132 5.08 4.40 -12.06
C PRO D 132 4.68 3.49 -13.23
N LEU D 133 5.66 2.80 -13.87
CA LEU D 133 5.43 1.96 -15.06
C LEU D 133 4.31 0.91 -14.90
N LEU D 134 4.36 0.08 -13.84
CA LEU D 134 3.34 -0.94 -13.63
C LEU D 134 1.95 -0.31 -13.44
N GLU D 135 1.86 0.74 -12.59
CA GLU D 135 0.63 1.43 -12.31
C GLU D 135 0.03 2.06 -13.54
N ARG D 136 0.87 2.73 -14.38
CA ARG D 136 0.43 3.37 -15.63
C ARG D 136 -0.16 2.31 -16.55
N MET D 137 0.56 1.18 -16.70
CA MET D 137 0.13 0.07 -17.56
C MET D 137 -1.19 -0.55 -17.09
N LYS D 138 -1.36 -0.75 -15.77
CA LYS D 138 -2.59 -1.30 -15.19
C LYS D 138 -3.79 -0.36 -15.38
N GLU D 139 -3.63 0.95 -15.11
CA GLU D 139 -4.76 1.87 -15.24
C GLU D 139 -5.14 2.15 -16.72
N THR D 140 -4.25 1.88 -17.68
CA THR D 140 -4.57 2.08 -19.10
C THR D 140 -4.91 0.76 -19.82
N GLN D 141 -4.93 -0.35 -19.05
CA GLN D 141 -5.17 -1.71 -19.54
C GLN D 141 -4.16 -2.11 -20.63
N ARG D 142 -2.89 -1.71 -20.45
CA ARG D 142 -1.81 -2.05 -21.38
C ARG D 142 -0.97 -3.13 -20.75
N ASP D 143 -0.89 -4.30 -21.42
CA ASP D 143 -0.18 -5.46 -20.88
C ASP D 143 0.91 -6.00 -21.80
N GLN D 144 1.42 -5.14 -22.71
CA GLN D 144 2.47 -5.53 -23.65
C GLN D 144 3.55 -4.47 -23.67
N LEU D 145 4.81 -4.89 -23.48
CA LEU D 145 5.95 -3.98 -23.42
C LEU D 145 6.95 -4.28 -24.52
N ILE D 146 7.10 -3.35 -25.46
CA ILE D 146 8.07 -3.49 -26.56
C ILE D 146 9.35 -2.86 -26.01
N ILE D 147 10.41 -3.65 -25.90
CA ILE D 147 11.68 -3.22 -25.28
C ILE D 147 12.80 -3.05 -26.30
N VAL D 148 13.39 -1.86 -26.31
CA VAL D 148 14.51 -1.47 -27.19
C VAL D 148 15.53 -0.71 -26.31
N GLY D 149 16.77 -0.58 -26.78
CA GLY D 149 17.81 0.15 -26.06
C GLY D 149 19.01 -0.67 -25.60
N VAL D 150 19.69 -0.20 -24.53
CA VAL D 150 20.89 -0.85 -24.00
C VAL D 150 20.78 -1.08 -22.46
N TYR D 151 21.49 -2.07 -21.88
CA TYR D 151 22.28 -3.13 -22.52
C TYR D 151 21.44 -4.39 -22.45
N ALA D 152 21.42 -5.17 -23.53
CA ALA D 152 20.61 -6.38 -23.62
C ALA D 152 20.68 -7.31 -22.38
N HIS D 153 21.88 -7.76 -21.96
CA HIS D 153 21.98 -8.72 -20.86
C HIS D 153 21.79 -8.14 -19.45
N ILE D 154 21.73 -6.80 -19.31
CA ILE D 154 21.58 -6.21 -17.98
C ILE D 154 20.16 -5.65 -17.79
N GLY D 155 19.97 -4.36 -18.10
CA GLY D 155 18.69 -3.67 -17.94
C GLY D 155 17.56 -4.19 -18.82
N ILE D 156 17.85 -4.50 -20.09
CA ILE D 156 16.82 -5.04 -21.00
C ILE D 156 16.31 -6.38 -20.43
N LEU D 157 17.25 -7.27 -20.05
CA LEU D 157 16.92 -8.57 -19.51
C LEU D 157 16.07 -8.47 -18.23
N SER D 158 16.54 -7.68 -17.22
CA SER D 158 15.84 -7.50 -15.94
C SER D 158 14.47 -6.90 -16.12
N THR D 159 14.32 -5.91 -17.02
CA THR D 159 13.03 -5.30 -17.32
C THR D 159 12.07 -6.35 -17.91
N ALA D 160 12.57 -7.17 -18.83
CA ALA D 160 11.78 -8.22 -19.45
C ALA D 160 11.32 -9.25 -18.43
N LEU D 161 12.22 -9.67 -17.50
CA LEU D 161 11.92 -10.64 -16.42
C LEU D 161 10.83 -10.09 -15.51
N ASP D 162 11.00 -8.85 -15.08
CA ASP D 162 10.02 -8.14 -14.25
C ASP D 162 8.67 -8.01 -14.98
N ALA D 163 8.64 -7.56 -16.25
CA ALA D 163 7.42 -7.47 -17.07
C ALA D 163 6.66 -8.80 -17.02
N PHE D 164 7.34 -9.89 -17.40
CA PHE D 164 6.82 -11.24 -17.41
C PHE D 164 6.22 -11.61 -16.07
N MET D 165 6.99 -11.41 -14.98
CA MET D 165 6.55 -11.72 -13.63
C MET D 165 5.37 -10.84 -13.16
N LEU D 166 5.26 -9.63 -13.71
CA LEU D 166 4.17 -8.69 -13.39
C LEU D 166 2.99 -8.82 -14.37
N ASP D 167 2.93 -9.93 -15.13
CA ASP D 167 1.86 -10.23 -16.09
C ASP D 167 1.83 -9.30 -17.32
N ILE D 168 2.99 -8.73 -17.66
CA ILE D 168 3.12 -7.86 -18.84
C ILE D 168 3.94 -8.69 -19.85
N GLN D 169 3.43 -8.83 -21.09
CA GLN D 169 4.12 -9.59 -22.14
C GLN D 169 5.32 -8.79 -22.68
N PRO D 170 6.58 -9.24 -22.44
CA PRO D 170 7.73 -8.48 -22.98
C PRO D 170 8.06 -8.89 -24.41
N PHE D 171 8.32 -7.89 -25.26
CA PHE D 171 8.69 -8.08 -26.66
C PHE D 171 10.03 -7.42 -26.84
N VAL D 172 11.11 -8.21 -26.80
CA VAL D 172 12.47 -7.67 -26.95
C VAL D 172 12.79 -7.61 -28.45
N VAL D 173 13.08 -6.41 -28.97
CA VAL D 173 13.40 -6.25 -30.38
C VAL D 173 14.89 -6.52 -30.56
N GLY D 174 15.20 -7.75 -31.02
CA GLY D 174 16.56 -8.23 -31.23
C GLY D 174 17.47 -7.33 -32.06
N ASP D 175 16.90 -6.61 -33.06
CA ASP D 175 17.70 -5.72 -33.89
C ASP D 175 17.55 -4.24 -33.48
N ALA D 176 16.93 -3.97 -32.31
CA ALA D 176 16.82 -2.61 -31.76
C ALA D 176 17.36 -2.57 -30.30
N VAL D 177 18.28 -3.51 -29.99
CA VAL D 177 18.99 -3.61 -28.72
C VAL D 177 20.50 -3.71 -29.02
N ALA D 178 21.36 -3.35 -28.06
CA ALA D 178 22.80 -3.50 -28.18
C ALA D 178 23.36 -3.93 -26.83
N ASP D 179 24.55 -4.52 -26.81
CA ASP D 179 25.12 -5.06 -25.59
C ASP D 179 26.63 -4.86 -25.53
N PHE D 180 27.28 -5.44 -24.49
CA PHE D 180 28.73 -5.35 -24.30
C PHE D 180 29.49 -6.11 -25.39
N SER D 181 28.83 -7.12 -26.00
CA SER D 181 29.37 -7.94 -27.10
C SER D 181 28.24 -8.62 -27.88
N LEU D 182 28.60 -9.26 -29.00
CA LEU D 182 27.66 -10.02 -29.84
C LEU D 182 27.27 -11.32 -29.10
N GLU D 183 28.22 -11.90 -28.33
CA GLU D 183 28.03 -13.10 -27.52
C GLU D 183 26.95 -12.84 -26.46
N ASP D 184 27.07 -11.70 -25.71
CA ASP D 184 26.10 -11.28 -24.71
C ASP D 184 24.75 -11.02 -25.35
N HIS D 185 24.77 -10.35 -26.54
CA HIS D 185 23.58 -10.00 -27.31
C HIS D 185 22.78 -11.26 -27.64
N HIS D 186 23.46 -12.26 -28.25
CA HIS D 186 22.85 -13.54 -28.63
C HIS D 186 22.33 -14.36 -27.43
N HIS D 187 23.15 -14.47 -26.36
CA HIS D 187 22.78 -15.19 -25.13
C HIS D 187 21.50 -14.62 -24.51
N THR D 188 21.35 -13.27 -24.49
CA THR D 188 20.16 -12.60 -23.96
C THR D 188 18.91 -13.03 -24.76
N LEU D 189 18.96 -12.92 -26.10
CA LEU D 189 17.84 -13.28 -26.97
C LEU D 189 17.40 -14.72 -26.74
N LYS D 190 18.39 -15.65 -26.63
CA LYS D 190 18.14 -17.06 -26.35
C LYS D 190 17.43 -17.25 -25.02
N TYR D 191 17.92 -16.57 -23.96
CA TYR D 191 17.32 -16.60 -22.62
C TYR D 191 15.86 -16.08 -22.64
N ILE D 192 15.61 -14.97 -23.36
CA ILE D 192 14.26 -14.39 -23.50
C ILE D 192 13.28 -15.39 -24.13
N THR D 193 13.59 -15.91 -25.33
CA THR D 193 12.74 -16.87 -26.07
C THR D 193 12.43 -18.12 -25.28
N GLU D 194 13.40 -18.59 -24.49
CA GLU D 194 13.28 -19.80 -23.69
C GLU D 194 12.56 -19.64 -22.37
N ARG D 195 12.68 -18.48 -21.69
CA ARG D 195 12.14 -18.34 -20.33
C ARG D 195 11.32 -17.11 -20.00
N VAL D 196 11.37 -16.07 -20.83
CA VAL D 196 10.79 -14.76 -20.47
C VAL D 196 9.69 -14.26 -21.40
N GLY D 197 9.97 -14.22 -22.69
CA GLY D 197 8.97 -13.68 -23.60
C GLY D 197 9.28 -13.83 -25.06
N CYS D 198 8.95 -12.80 -25.83
CA CYS D 198 9.07 -12.78 -27.28
C CYS D 198 10.27 -11.97 -27.76
N VAL D 199 11.05 -12.55 -28.67
CA VAL D 199 12.13 -11.87 -29.37
C VAL D 199 11.59 -11.61 -30.75
N THR D 200 11.38 -10.34 -31.10
CA THR D 200 10.86 -9.94 -32.40
C THR D 200 11.89 -9.08 -33.15
N SER D 201 11.62 -8.78 -34.41
CA SER D 201 12.49 -7.97 -35.25
C SER D 201 11.73 -6.72 -35.62
N LEU D 202 12.41 -5.74 -36.24
CA LEU D 202 11.78 -4.50 -36.68
C LEU D 202 10.75 -4.84 -37.76
N GLU D 203 11.14 -5.72 -38.70
CA GLU D 203 10.33 -6.15 -39.84
C GLU D 203 8.97 -6.73 -39.47
N ALA D 204 8.93 -7.70 -38.53
CA ALA D 204 7.73 -8.38 -38.06
C ALA D 204 6.84 -7.50 -37.15
N LEU D 205 7.43 -6.45 -36.53
CA LEU D 205 6.70 -5.54 -35.66
C LEU D 205 5.89 -4.51 -36.43
N LYS D 206 6.37 -4.07 -37.59
CA LYS D 206 5.67 -3.10 -38.43
C LYS D 206 4.21 -3.47 -38.76
N PRO D 207 3.86 -4.67 -39.31
CA PRO D 207 2.44 -4.95 -39.59
C PRO D 207 1.57 -5.09 -38.34
N GLN D 208 2.16 -5.57 -37.22
CA GLN D 208 1.49 -5.70 -35.92
C GLN D 208 1.03 -4.32 -35.35
N MET D 209 1.71 -3.21 -35.78
CA MET D 209 1.45 -1.81 -35.44
C MET D 209 0.80 -1.10 -36.64
N ILE E 5 -8.79 -29.91 15.94
CA ILE E 5 -7.95 -30.40 17.03
C ILE E 5 -8.38 -31.77 17.65
N PRO E 6 -9.66 -32.05 18.04
CA PRO E 6 -9.95 -33.34 18.68
C PRO E 6 -10.26 -34.48 17.73
N LYS E 7 -10.15 -35.73 18.22
CA LYS E 7 -10.56 -36.91 17.44
C LYS E 7 -12.08 -36.85 17.46
N ILE E 8 -12.68 -36.71 16.28
CA ILE E 8 -14.11 -36.57 16.13
C ILE E 8 -14.77 -37.94 16.18
N ALA E 9 -15.73 -38.13 17.09
CA ALA E 9 -16.46 -39.39 17.19
C ALA E 9 -17.46 -39.44 16.02
N SER E 10 -17.76 -40.66 15.56
CA SER E 10 -18.68 -40.92 14.45
C SER E 10 -20.11 -40.41 14.72
N TYR E 11 -20.75 -39.89 13.67
CA TYR E 11 -22.15 -39.44 13.70
C TYR E 11 -22.73 -39.46 12.29
N SER E 12 -24.06 -39.58 12.18
CA SER E 12 -24.70 -39.58 10.87
C SER E 12 -25.03 -38.17 10.41
N ILE E 13 -24.79 -37.88 9.11
CA ILE E 13 -25.16 -36.58 8.53
C ILE E 13 -26.70 -36.49 8.66
N PRO E 14 -27.25 -35.39 9.23
CA PRO E 14 -28.72 -35.30 9.37
C PRO E 14 -29.45 -35.33 8.02
N LEU E 15 -30.70 -35.82 8.03
CA LEU E 15 -31.52 -35.89 6.82
C LEU E 15 -32.15 -34.53 6.56
N ALA E 16 -32.31 -34.17 5.28
CA ALA E 16 -32.87 -32.90 4.80
C ALA E 16 -34.20 -32.51 5.48
N GLU E 17 -35.03 -33.52 5.84
CA GLU E 17 -36.31 -33.33 6.54
C GLU E 17 -36.13 -32.75 7.95
N THR E 18 -34.96 -33.00 8.58
CA THR E 18 -34.63 -32.49 9.91
C THR E 18 -34.01 -31.06 9.85
N PHE E 19 -33.63 -30.58 8.64
CA PHE E 19 -33.02 -29.25 8.47
C PHE E 19 -34.00 -28.14 8.89
N PRO E 20 -33.51 -27.05 9.50
CA PRO E 20 -34.44 -25.96 9.88
C PRO E 20 -35.03 -25.26 8.67
N LYS E 21 -36.21 -24.66 8.84
CA LYS E 21 -36.90 -23.94 7.76
C LYS E 21 -36.17 -22.66 7.40
N ASN E 22 -35.99 -22.43 6.08
CA ASN E 22 -35.33 -21.23 5.55
C ASN E 22 -36.23 -20.00 5.70
N LYS E 23 -35.64 -18.88 6.13
CA LYS E 23 -36.30 -17.59 6.29
C LYS E 23 -36.34 -16.93 4.90
N VAL E 24 -35.26 -17.12 4.12
CA VAL E 24 -35.10 -16.56 2.77
C VAL E 24 -35.51 -17.56 1.71
N HIS E 25 -35.95 -17.06 0.55
CA HIS E 25 -36.41 -17.93 -0.52
C HIS E 25 -35.54 -17.80 -1.77
N TRP E 26 -34.24 -18.01 -1.58
CA TRP E 26 -33.25 -17.95 -2.65
C TRP E 26 -33.16 -19.26 -3.42
N HIS E 27 -32.71 -19.18 -4.67
CA HIS E 27 -32.49 -20.35 -5.51
C HIS E 27 -31.21 -20.17 -6.30
N VAL E 28 -30.42 -21.25 -6.40
CA VAL E 28 -29.16 -21.29 -7.14
C VAL E 28 -29.44 -21.20 -8.64
N GLN E 29 -28.73 -20.28 -9.30
CA GLN E 29 -28.76 -20.07 -10.75
C GLN E 29 -27.31 -20.27 -11.19
N ALA E 30 -27.08 -21.26 -12.07
CA ALA E 30 -25.77 -21.65 -12.59
C ALA E 30 -24.88 -20.49 -13.07
N ASP E 31 -25.47 -19.48 -13.73
CA ASP E 31 -24.77 -18.30 -14.25
C ASP E 31 -24.29 -17.36 -13.15
N ARG E 32 -24.83 -17.49 -11.93
CA ARG E 32 -24.49 -16.62 -10.78
C ARG E 32 -23.69 -17.33 -9.69
N ALA E 33 -23.57 -18.68 -9.76
CA ALA E 33 -22.99 -19.48 -8.68
C ALA E 33 -21.54 -19.92 -8.81
N VAL E 34 -20.91 -20.17 -7.64
CA VAL E 34 -19.56 -20.71 -7.48
C VAL E 34 -19.71 -21.81 -6.43
N LEU E 35 -19.07 -22.98 -6.68
CA LEU E 35 -19.07 -24.07 -5.72
C LEU E 35 -17.75 -23.99 -4.93
N LEU E 36 -17.89 -23.84 -3.59
CA LEU E 36 -16.73 -23.80 -2.72
C LEU E 36 -16.59 -25.09 -1.94
N ILE E 37 -15.52 -25.85 -2.21
CA ILE E 37 -15.18 -27.09 -1.50
C ILE E 37 -14.18 -26.65 -0.43
N HIS E 38 -14.70 -26.47 0.78
CA HIS E 38 -13.99 -25.88 1.91
C HIS E 38 -13.17 -26.86 2.75
N ASP E 39 -11.86 -26.65 2.72
CA ASP E 39 -10.82 -27.35 3.52
C ASP E 39 -10.93 -28.89 3.52
N MET E 40 -11.18 -29.48 2.35
CA MET E 40 -11.30 -30.94 2.22
C MET E 40 -9.91 -31.61 2.06
N GLN E 41 -8.98 -31.23 2.94
CA GLN E 41 -7.60 -31.68 3.00
C GLN E 41 -7.55 -32.88 3.88
N LYS E 42 -6.62 -33.82 3.57
CA LYS E 42 -6.39 -35.05 4.33
C LYS E 42 -6.16 -34.76 5.80
N TYR E 43 -5.43 -33.68 6.12
CA TYR E 43 -5.15 -33.27 7.51
C TYR E 43 -6.45 -33.10 8.33
N PHE E 44 -7.44 -32.36 7.80
CA PHE E 44 -8.72 -32.11 8.48
C PHE E 44 -9.64 -33.31 8.51
N ILE E 45 -9.66 -34.11 7.44
CA ILE E 45 -10.50 -35.32 7.39
C ILE E 45 -9.93 -36.45 8.26
N ASN E 46 -8.60 -36.41 8.55
CA ASN E 46 -7.92 -37.40 9.41
C ASN E 46 -8.39 -37.35 10.87
N PHE E 47 -9.04 -36.26 11.30
CA PHE E 47 -9.55 -36.15 12.68
C PHE E 47 -10.77 -37.06 12.91
N PHE E 48 -11.42 -37.49 11.82
CA PHE E 48 -12.54 -38.44 11.80
C PHE E 48 -11.98 -39.83 11.44
N ASP E 49 -12.79 -40.88 11.67
CA ASP E 49 -12.47 -42.21 11.21
C ASP E 49 -13.11 -42.24 9.79
N HIS E 50 -12.26 -42.23 8.74
CA HIS E 50 -12.63 -42.22 7.31
C HIS E 50 -13.69 -43.25 6.92
N SER E 51 -13.57 -44.48 7.45
CA SER E 51 -14.48 -45.59 7.17
C SER E 51 -15.87 -45.44 7.81
N GLN E 52 -15.99 -44.47 8.74
CA GLN E 52 -17.20 -44.23 9.51
C GLN E 52 -17.89 -42.92 9.18
N ALA E 53 -19.23 -42.89 9.38
CA ALA E 53 -20.07 -41.70 9.19
C ALA E 53 -19.51 -40.52 10.03
N PRO E 54 -19.52 -39.27 9.54
CA PRO E 54 -20.15 -38.77 8.31
C PRO E 54 -19.30 -38.75 7.04
N VAL E 55 -18.05 -39.26 7.11
CA VAL E 55 -17.06 -39.21 6.03
C VAL E 55 -17.54 -39.86 4.69
N PRO E 56 -18.01 -41.14 4.61
CA PRO E 56 -18.42 -41.68 3.30
C PRO E 56 -19.51 -40.88 2.60
N GLU E 57 -20.55 -40.46 3.32
CA GLU E 57 -21.65 -39.68 2.77
C GLU E 57 -21.16 -38.29 2.35
N LEU E 58 -20.31 -37.67 3.18
CA LEU E 58 -19.71 -36.36 2.92
C LEU E 58 -18.96 -36.36 1.59
N LEU E 59 -18.07 -37.35 1.39
CA LEU E 59 -17.27 -37.50 0.18
C LEU E 59 -18.12 -37.79 -1.05
N ALA E 60 -19.11 -38.68 -0.93
CA ALA E 60 -20.00 -39.02 -2.06
C ALA E 60 -20.86 -37.79 -2.47
N ASN E 61 -21.45 -37.07 -1.50
CA ASN E 61 -22.28 -35.91 -1.77
C ASN E 61 -21.51 -34.76 -2.38
N ILE E 62 -20.26 -34.48 -1.88
CA ILE E 62 -19.41 -33.42 -2.47
C ILE E 62 -19.03 -33.79 -3.89
N SER E 63 -18.64 -35.07 -4.12
CA SER E 63 -18.27 -35.60 -5.44
C SER E 63 -19.42 -35.43 -6.44
N GLU E 64 -20.65 -35.77 -6.03
CA GLU E 64 -21.84 -35.65 -6.89
C GLU E 64 -22.13 -34.19 -7.27
N LEU E 65 -22.08 -33.29 -6.28
CA LEU E 65 -22.31 -31.86 -6.40
C LEU E 65 -21.24 -31.22 -7.30
N LYS E 66 -19.98 -31.63 -7.12
CA LYS E 66 -18.87 -31.17 -7.94
C LYS E 66 -19.06 -31.51 -9.43
N SER E 67 -19.49 -32.76 -9.72
CA SER E 67 -19.81 -33.24 -11.07
C SER E 67 -20.92 -32.39 -11.72
N LEU E 68 -21.98 -32.11 -10.95
CA LEU E 68 -23.10 -31.27 -11.35
C LEU E 68 -22.64 -29.85 -11.67
N ALA E 69 -21.72 -29.30 -10.85
CA ALA E 69 -21.16 -27.96 -11.02
C ALA E 69 -20.34 -27.85 -12.29
N ARG E 70 -19.59 -28.92 -12.65
CA ARG E 70 -18.79 -28.99 -13.87
C ARG E 70 -19.70 -29.07 -15.11
N GLN E 71 -20.82 -29.80 -15.02
CA GLN E 71 -21.81 -29.94 -16.10
C GLN E 71 -22.56 -28.63 -16.33
N ALA E 72 -22.82 -27.86 -15.26
CA ALA E 72 -23.52 -26.57 -15.30
C ALA E 72 -22.58 -25.39 -15.49
N ASN E 73 -21.28 -25.66 -15.76
CA ASN E 73 -20.24 -24.63 -15.95
C ASN E 73 -20.14 -23.67 -14.74
N ILE E 74 -20.48 -24.19 -13.55
CA ILE E 74 -20.34 -23.49 -12.28
C ILE E 74 -18.87 -23.67 -11.87
N PRO E 75 -18.09 -22.57 -11.67
CA PRO E 75 -16.68 -22.70 -11.23
C PRO E 75 -16.56 -23.44 -9.91
N VAL E 76 -15.56 -24.33 -9.82
CA VAL E 76 -15.26 -25.14 -8.62
C VAL E 76 -14.00 -24.57 -8.00
N VAL E 77 -14.10 -24.15 -6.73
CA VAL E 77 -13.00 -23.57 -5.96
C VAL E 77 -12.75 -24.39 -4.71
N TYR E 78 -11.51 -24.87 -4.54
CA TYR E 78 -11.09 -25.60 -3.35
C TYR E 78 -10.29 -24.64 -2.47
N THR E 79 -10.42 -24.77 -1.15
CA THR E 79 -9.61 -23.99 -0.22
C THR E 79 -8.73 -24.98 0.51
N ALA E 80 -7.49 -24.57 0.80
CA ALA E 80 -6.51 -25.40 1.48
C ALA E 80 -5.55 -24.55 2.30
N GLN E 81 -5.34 -24.95 3.55
CA GLN E 81 -4.38 -24.30 4.41
C GLN E 81 -2.97 -24.73 4.03
N PRO E 82 -2.01 -23.78 3.90
CA PRO E 82 -0.63 -24.20 3.53
C PRO E 82 0.16 -24.75 4.73
N PRO E 83 1.20 -25.61 4.53
CA PRO E 83 2.00 -26.08 5.67
C PRO E 83 3.06 -25.07 6.13
N ASN E 84 3.61 -25.27 7.35
CA ASN E 84 4.69 -24.47 7.95
C ASN E 84 4.50 -22.96 7.76
N GLN E 85 3.34 -22.48 8.17
CA GLN E 85 2.97 -21.08 8.06
C GLN E 85 3.87 -20.16 8.88
N ASP E 86 4.13 -18.98 8.31
CA ASP E 86 4.84 -17.92 8.98
C ASP E 86 3.95 -17.48 10.19
N PRO E 87 4.47 -17.53 11.47
CA PRO E 87 3.65 -17.12 12.63
C PRO E 87 3.01 -15.74 12.52
N ILE E 88 3.67 -14.79 11.83
CA ILE E 88 3.14 -13.44 11.63
C ILE E 88 1.87 -13.50 10.76
N GLU E 89 1.91 -14.36 9.72
CA GLU E 89 0.79 -14.55 8.80
C GLU E 89 -0.32 -15.37 9.42
N ARG E 90 0.04 -16.36 10.23
CA ARG E 90 -0.93 -17.24 10.90
C ARG E 90 -1.62 -16.46 12.03
N ALA E 91 -0.86 -15.56 12.68
CA ALA E 91 -1.29 -14.65 13.73
C ALA E 91 -2.09 -15.32 14.86
N LEU E 92 -3.28 -14.79 15.23
CA LEU E 92 -4.07 -15.21 16.38
C LEU E 92 -4.59 -16.66 16.34
N LEU E 93 -4.60 -17.34 15.18
CA LEU E 93 -5.00 -18.76 15.07
C LEU E 93 -4.11 -19.68 15.95
N THR E 94 -2.81 -19.38 16.03
CA THR E 94 -1.82 -20.10 16.80
C THR E 94 -2.25 -20.24 18.27
N ASP E 95 -2.83 -19.15 18.85
CA ASP E 95 -3.31 -19.06 20.23
C ASP E 95 -4.40 -20.09 20.53
N PHE E 96 -5.21 -20.44 19.51
CA PHE E 96 -6.30 -21.42 19.60
C PHE E 96 -5.96 -22.83 19.12
N TRP E 97 -5.18 -22.95 18.01
CA TRP E 97 -4.94 -24.25 17.37
C TRP E 97 -3.49 -24.70 17.28
N GLY E 98 -2.57 -23.92 17.80
CA GLY E 98 -1.14 -24.22 17.69
C GLY E 98 -0.58 -23.71 16.37
N THR E 99 0.67 -24.13 16.06
CA THR E 99 1.43 -23.64 14.92
C THR E 99 0.91 -24.10 13.54
N GLY E 100 -0.04 -25.02 13.48
CA GLY E 100 -0.64 -25.43 12.21
C GLY E 100 -0.13 -26.70 11.58
N LEU E 101 -0.80 -27.14 10.50
CA LEU E 101 -0.44 -28.36 9.76
C LEU E 101 0.95 -28.24 9.07
N THR E 102 1.66 -29.35 8.97
CA THR E 102 2.98 -29.47 8.32
C THR E 102 2.98 -30.60 7.26
N LYS E 103 1.94 -31.46 7.30
CA LYS E 103 1.76 -32.63 6.44
C LYS E 103 0.29 -32.74 6.04
N ASP E 104 -0.02 -33.64 5.07
CA ASP E 104 -1.38 -33.97 4.58
C ASP E 104 -2.18 -32.75 4.12
N THR E 105 -1.51 -31.86 3.37
CA THR E 105 -2.08 -30.61 2.88
C THR E 105 -2.88 -30.85 1.59
N GLU E 106 -2.69 -32.02 0.99
CA GLU E 106 -3.38 -32.36 -0.25
C GLU E 106 -4.86 -32.61 0.01
N ILE E 107 -5.67 -32.38 -1.04
CA ILE E 107 -7.11 -32.65 -1.02
C ILE E 107 -7.27 -34.16 -0.97
N VAL E 108 -8.28 -34.65 -0.20
CA VAL E 108 -8.61 -36.09 -0.11
C VAL E 108 -8.74 -36.65 -1.53
N SER E 109 -8.13 -37.81 -1.79
CA SER E 109 -8.04 -38.45 -3.09
C SER E 109 -9.40 -38.62 -3.82
N GLU E 110 -10.49 -38.86 -3.05
CA GLU E 110 -11.86 -39.00 -3.54
C GLU E 110 -12.37 -37.69 -4.18
N LEU E 111 -11.80 -36.53 -3.77
CA LEU E 111 -12.18 -35.21 -4.28
C LEU E 111 -11.03 -34.48 -4.98
N SER E 112 -10.05 -35.21 -5.49
CA SER E 112 -8.89 -34.63 -6.19
C SER E 112 -9.33 -33.66 -7.29
N PRO E 113 -8.82 -32.40 -7.28
CA PRO E 113 -9.22 -31.45 -8.33
C PRO E 113 -8.91 -31.95 -9.75
N GLU E 114 -9.80 -31.63 -10.70
CA GLU E 114 -9.66 -31.99 -12.12
C GLU E 114 -9.26 -30.72 -12.91
N ASP E 115 -8.99 -30.85 -14.22
CA ASP E 115 -8.59 -29.74 -15.11
C ASP E 115 -9.68 -28.66 -15.13
N GLY E 116 -9.31 -27.42 -14.78
CA GLY E 116 -10.25 -26.31 -14.76
C GLY E 116 -10.64 -25.89 -13.36
N ASP E 117 -10.49 -26.80 -12.36
CA ASP E 117 -10.75 -26.50 -10.95
C ASP E 117 -9.63 -25.62 -10.40
N ILE E 118 -9.98 -24.74 -9.46
CA ILE E 118 -9.06 -23.78 -8.86
C ILE E 118 -8.87 -24.09 -7.39
N GLN E 119 -7.63 -23.94 -6.90
CA GLN E 119 -7.31 -24.07 -5.50
C GLN E 119 -6.76 -22.74 -4.96
N TYR E 120 -7.35 -22.24 -3.84
CA TYR E 120 -6.85 -21.02 -3.18
C TYR E 120 -6.26 -21.40 -1.85
N THR E 121 -5.15 -20.74 -1.50
CA THR E 121 -4.47 -20.88 -0.20
C THR E 121 -5.38 -20.18 0.86
N LYS E 122 -5.77 -20.93 1.90
CA LYS E 122 -6.64 -20.54 3.00
C LYS E 122 -5.82 -20.11 4.24
N TRP E 123 -6.07 -18.88 4.74
CA TRP E 123 -5.39 -18.29 5.88
C TRP E 123 -6.22 -18.12 7.13
N ARG E 124 -7.52 -17.95 6.96
CA ARG E 124 -8.42 -17.67 8.07
C ARG E 124 -9.66 -18.56 7.93
N TYR E 125 -10.55 -18.54 8.94
CA TYR E 125 -11.81 -19.29 8.95
C TYR E 125 -12.61 -18.97 7.67
N SER E 126 -12.67 -17.68 7.28
CA SER E 126 -13.35 -17.23 6.08
C SER E 126 -12.49 -17.41 4.82
N ALA E 127 -13.06 -17.93 3.74
CA ALA E 127 -12.39 -18.12 2.45
C ALA E 127 -12.21 -16.81 1.68
N PHE E 128 -12.73 -15.71 2.22
CA PHE E 128 -12.64 -14.39 1.60
C PHE E 128 -11.44 -13.62 2.15
N LYS E 129 -10.91 -14.04 3.32
CA LYS E 129 -9.77 -13.36 3.92
C LYS E 129 -8.48 -13.73 3.25
N LYS E 130 -7.79 -12.74 2.65
CA LYS E 130 -6.48 -12.85 1.97
C LYS E 130 -6.48 -13.79 0.78
N THR E 131 -7.59 -13.90 0.04
CA THR E 131 -7.62 -14.75 -1.15
C THR E 131 -8.23 -13.92 -2.30
N PRO E 132 -8.08 -14.35 -3.58
CA PRO E 132 -8.73 -13.63 -4.68
C PRO E 132 -10.25 -13.90 -4.81
N LEU E 133 -10.82 -14.77 -3.94
CA LEU E 133 -12.23 -15.19 -4.02
C LEU E 133 -13.24 -14.04 -4.36
N LEU E 134 -13.28 -12.98 -3.56
CA LEU E 134 -14.19 -11.87 -3.80
C LEU E 134 -13.87 -11.13 -5.08
N GLU E 135 -12.57 -10.95 -5.40
CA GLU E 135 -12.12 -10.28 -6.63
C GLU E 135 -12.61 -11.06 -7.87
N ARG E 136 -12.44 -12.38 -7.86
CA ARG E 136 -12.82 -13.26 -8.95
C ARG E 136 -14.34 -13.29 -9.19
N MET E 137 -15.15 -13.29 -8.13
CA MET E 137 -16.63 -13.28 -8.26
C MET E 137 -17.15 -11.92 -8.76
N LYS E 138 -16.56 -10.80 -8.29
CA LYS E 138 -16.91 -9.46 -8.77
C LYS E 138 -16.59 -9.28 -10.26
N GLU E 139 -15.49 -9.89 -10.75
CA GLU E 139 -15.08 -9.82 -12.18
C GLU E 139 -16.00 -10.70 -13.08
N THR E 140 -16.53 -11.80 -12.54
CA THR E 140 -17.35 -12.74 -13.29
C THR E 140 -18.84 -12.55 -13.05
N GLN E 141 -19.25 -11.54 -12.26
CA GLN E 141 -20.66 -11.24 -11.92
C GLN E 141 -21.35 -12.44 -11.25
N ARG E 142 -20.62 -13.12 -10.35
CA ARG E 142 -21.15 -14.27 -9.62
C ARG E 142 -21.39 -13.84 -8.18
N ASP E 143 -22.64 -13.95 -7.71
CA ASP E 143 -23.03 -13.47 -6.37
C ASP E 143 -23.70 -14.55 -5.51
N GLN E 144 -23.44 -15.83 -5.82
CA GLN E 144 -24.01 -16.96 -5.08
C GLN E 144 -22.89 -17.94 -4.76
N LEU E 145 -22.77 -18.33 -3.49
CA LEU E 145 -21.73 -19.25 -3.06
C LEU E 145 -22.33 -20.53 -2.45
N ILE E 146 -22.09 -21.66 -3.12
CA ILE E 146 -22.54 -22.97 -2.64
C ILE E 146 -21.41 -23.49 -1.78
N ILE E 147 -21.65 -23.68 -0.49
CA ILE E 147 -20.62 -24.07 0.48
C ILE E 147 -20.76 -25.49 0.98
N VAL E 148 -19.72 -26.30 0.75
CA VAL E 148 -19.61 -27.69 1.17
C VAL E 148 -18.24 -27.87 1.87
N GLY E 149 -18.09 -28.93 2.65
CA GLY E 149 -16.81 -29.23 3.32
C GLY E 149 -16.85 -29.26 4.83
N VAL E 150 -15.69 -28.99 5.46
CA VAL E 150 -15.52 -29.01 6.91
C VAL E 150 -14.83 -27.72 7.44
N TYR E 151 -15.06 -27.27 8.69
CA TYR E 151 -16.03 -27.78 9.67
C TYR E 151 -17.19 -26.81 9.68
N ALA E 152 -18.42 -27.34 9.74
CA ALA E 152 -19.63 -26.52 9.71
C ALA E 152 -19.61 -25.25 10.64
N HIS E 153 -19.37 -25.42 11.95
CA HIS E 153 -19.44 -24.29 12.87
C HIS E 153 -18.23 -23.34 12.85
N ILE E 154 -17.13 -23.69 12.15
CA ILE E 154 -15.96 -22.83 12.13
C ILE E 154 -15.81 -22.14 10.76
N GLY E 155 -15.06 -22.75 9.84
CA GLY E 155 -14.78 -22.19 8.52
C GLY E 155 -15.99 -22.05 7.63
N ILE E 156 -16.92 -23.06 7.63
CA ILE E 156 -18.14 -22.98 6.82
C ILE E 156 -18.96 -21.77 7.28
N LEU E 157 -19.17 -21.66 8.61
CA LEU E 157 -19.96 -20.58 9.19
C LEU E 157 -19.37 -19.20 8.89
N SER E 158 -18.04 -19.01 9.15
CA SER E 158 -17.35 -17.73 8.91
C SER E 158 -17.37 -17.35 7.44
N THR E 159 -17.19 -18.32 6.52
CA THR E 159 -17.27 -18.08 5.07
C THR E 159 -18.68 -17.60 4.67
N ALA E 160 -19.75 -18.27 5.15
CA ALA E 160 -21.15 -17.89 4.83
C ALA E 160 -21.49 -16.50 5.39
N LEU E 161 -20.99 -16.16 6.60
CA LEU E 161 -21.21 -14.86 7.24
C LEU E 161 -20.54 -13.77 6.42
N ASP E 162 -19.28 -14.03 5.96
CA ASP E 162 -18.53 -13.05 5.16
C ASP E 162 -19.20 -12.87 3.80
N ALA E 163 -19.69 -13.96 3.20
CA ALA E 163 -20.42 -13.93 1.91
C ALA E 163 -21.61 -12.98 2.02
N PHE E 164 -22.51 -13.27 2.95
CA PHE E 164 -23.69 -12.49 3.24
C PHE E 164 -23.36 -11.00 3.40
N MET E 165 -22.34 -10.67 4.21
CA MET E 165 -21.94 -9.30 4.46
C MET E 165 -21.39 -8.59 3.21
N LEU E 166 -20.80 -9.36 2.27
CA LEU E 166 -20.23 -8.85 1.03
C LEU E 166 -21.24 -8.94 -0.12
N ASP E 167 -22.55 -9.13 0.20
CA ASP E 167 -23.67 -9.19 -0.77
C ASP E 167 -23.61 -10.44 -1.68
N ILE E 168 -22.99 -11.52 -1.19
CA ILE E 168 -22.94 -12.80 -1.87
C ILE E 168 -23.94 -13.71 -1.12
N GLN E 169 -24.88 -14.32 -1.83
CA GLN E 169 -25.86 -15.24 -1.23
C GLN E 169 -25.23 -16.57 -0.85
N PRO E 170 -25.07 -16.89 0.46
CA PRO E 170 -24.48 -18.20 0.81
C PRO E 170 -25.53 -19.33 0.84
N PHE E 171 -25.17 -20.48 0.25
CA PHE E 171 -26.01 -21.69 0.21
C PHE E 171 -25.21 -22.80 0.87
N VAL E 172 -25.51 -23.05 2.16
CA VAL E 172 -24.81 -24.08 2.90
C VAL E 172 -25.53 -25.41 2.66
N VAL E 173 -24.81 -26.40 2.10
CA VAL E 173 -25.42 -27.70 1.82
C VAL E 173 -25.34 -28.54 3.09
N GLY E 174 -26.46 -28.60 3.82
CA GLY E 174 -26.60 -29.31 5.09
C GLY E 174 -26.12 -30.75 5.09
N ASP E 175 -26.33 -31.45 3.96
CA ASP E 175 -25.90 -32.84 3.84
C ASP E 175 -24.58 -33.01 3.05
N ALA E 176 -23.84 -31.90 2.81
CA ALA E 176 -22.52 -31.96 2.20
C ALA E 176 -21.49 -31.18 3.05
N VAL E 177 -21.76 -31.10 4.36
CA VAL E 177 -20.91 -30.49 5.38
C VAL E 177 -20.75 -31.49 6.53
N ALA E 178 -19.68 -31.37 7.33
CA ALA E 178 -19.46 -32.19 8.53
C ALA E 178 -18.85 -31.31 9.60
N ASP E 179 -18.94 -31.74 10.86
CA ASP E 179 -18.48 -30.93 11.98
C ASP E 179 -17.89 -31.79 13.08
N PHE E 180 -17.53 -31.16 14.24
CA PHE E 180 -16.96 -31.82 15.40
C PHE E 180 -17.97 -32.75 16.07
N SER E 181 -19.28 -32.48 15.86
CA SER E 181 -20.39 -33.29 16.39
C SER E 181 -21.68 -33.01 15.60
N LEU E 182 -22.71 -33.81 15.86
CA LEU E 182 -24.04 -33.63 15.27
C LEU E 182 -24.70 -32.38 15.85
N GLU E 183 -24.47 -32.12 17.15
CA GLU E 183 -24.97 -30.96 17.88
C GLU E 183 -24.43 -29.66 17.22
N ASP E 184 -23.10 -29.59 16.97
CA ASP E 184 -22.46 -28.45 16.30
C ASP E 184 -23.01 -28.30 14.86
N HIS E 185 -23.18 -29.45 14.16
CA HIS E 185 -23.70 -29.51 12.79
C HIS E 185 -25.11 -28.88 12.74
N HIS E 186 -26.02 -29.34 13.60
CA HIS E 186 -27.38 -28.82 13.67
C HIS E 186 -27.47 -27.34 14.08
N HIS E 187 -26.70 -26.92 15.11
CA HIS E 187 -26.65 -25.53 15.60
C HIS E 187 -26.21 -24.57 14.48
N THR E 188 -25.22 -24.99 13.65
CA THR E 188 -24.71 -24.18 12.52
C THR E 188 -25.84 -23.94 11.51
N LEU E 189 -26.55 -25.02 11.10
CA LEU E 189 -27.63 -24.93 10.12
C LEU E 189 -28.73 -23.99 10.61
N LYS E 190 -29.09 -24.11 11.91
CA LYS E 190 -30.10 -23.25 12.55
C LYS E 190 -29.66 -21.77 12.50
N TYR E 191 -28.38 -21.50 12.84
CA TYR E 191 -27.80 -20.16 12.80
C TYR E 191 -27.84 -19.58 11.37
N ILE E 192 -27.49 -20.41 10.36
CA ILE E 192 -27.50 -19.99 8.94
C ILE E 192 -28.90 -19.54 8.49
N THR E 193 -29.91 -20.43 8.65
CA THR E 193 -31.30 -20.17 8.25
C THR E 193 -31.88 -18.94 8.91
N GLU E 194 -31.50 -18.70 10.17
CA GLU E 194 -32.00 -17.58 10.97
C GLU E 194 -31.31 -16.24 10.73
N ARG E 195 -30.01 -16.23 10.40
CA ARG E 195 -29.26 -14.98 10.32
C ARG E 195 -28.37 -14.73 9.11
N VAL E 196 -28.00 -15.78 8.38
CA VAL E 196 -26.99 -15.67 7.34
C VAL E 196 -27.44 -15.97 5.89
N GLY E 197 -28.08 -17.09 5.68
CA GLY E 197 -28.46 -17.45 4.33
C GLY E 197 -29.35 -18.66 4.22
N CYS E 198 -29.11 -19.43 3.17
CA CYS E 198 -29.89 -20.60 2.80
C CYS E 198 -29.20 -21.90 3.17
N VAL E 199 -29.95 -22.81 3.82
CA VAL E 199 -29.51 -24.16 4.11
C VAL E 199 -30.25 -25.01 3.11
N THR E 200 -29.51 -25.66 2.22
CA THR E 200 -30.07 -26.50 1.18
C THR E 200 -29.54 -27.94 1.33
N SER E 201 -29.98 -28.83 0.46
CA SER E 201 -29.60 -30.23 0.44
C SER E 201 -29.17 -30.62 -0.98
N LEU E 202 -28.49 -31.75 -1.13
CA LEU E 202 -28.06 -32.31 -2.41
C LEU E 202 -29.26 -32.56 -3.35
N GLU E 203 -30.37 -33.14 -2.83
CA GLU E 203 -31.58 -33.41 -3.63
C GLU E 203 -32.26 -32.15 -4.17
N ALA E 204 -32.36 -31.09 -3.33
CA ALA E 204 -32.96 -29.81 -3.71
C ALA E 204 -32.06 -29.04 -4.68
N LEU E 205 -30.74 -29.24 -4.60
CA LEU E 205 -29.76 -28.55 -5.41
C LEU E 205 -29.63 -29.08 -6.83
N LYS E 206 -29.87 -30.41 -7.02
CA LYS E 206 -29.82 -31.10 -8.31
C LYS E 206 -30.63 -30.38 -9.43
N PRO E 207 -31.96 -30.06 -9.26
CA PRO E 207 -32.70 -29.38 -10.34
C PRO E 207 -32.29 -27.91 -10.55
N GLN E 208 -31.85 -27.22 -9.46
CA GLN E 208 -31.41 -25.81 -9.50
C GLN E 208 -30.17 -25.60 -10.37
N MET E 209 -29.27 -26.59 -10.41
CA MET E 209 -28.03 -26.56 -11.17
C MET E 209 -28.31 -27.16 -12.57
N ILE F 8 -38.24 -9.05 23.44
CA ILE F 8 -37.31 -9.87 24.22
C ILE F 8 -37.84 -9.98 25.66
N ALA F 9 -38.05 -11.21 26.14
CA ALA F 9 -38.50 -11.45 27.51
C ALA F 9 -37.34 -11.17 28.47
N SER F 10 -37.67 -10.68 29.68
CA SER F 10 -36.70 -10.34 30.73
C SER F 10 -35.85 -11.53 31.17
N TYR F 11 -34.55 -11.28 31.40
CA TYR F 11 -33.60 -12.27 31.89
C TYR F 11 -32.46 -11.58 32.62
N SER F 12 -31.81 -12.30 33.55
CA SER F 12 -30.69 -11.75 34.29
C SER F 12 -29.38 -11.98 33.55
N ILE F 13 -28.51 -10.94 33.50
CA ILE F 13 -27.18 -11.05 32.91
C ILE F 13 -26.44 -12.13 33.72
N PRO F 14 -25.85 -13.17 33.10
CA PRO F 14 -25.17 -14.21 33.90
C PRO F 14 -24.00 -13.67 34.73
N LEU F 15 -23.70 -14.34 35.85
CA LEU F 15 -22.60 -13.95 36.73
C LEU F 15 -21.28 -14.47 36.15
N ALA F 16 -20.19 -13.71 36.32
CA ALA F 16 -18.83 -14.02 35.82
C ALA F 16 -18.37 -15.45 36.15
N GLU F 17 -18.82 -15.95 37.31
CA GLU F 17 -18.60 -17.28 37.86
C GLU F 17 -19.09 -18.35 36.86
N THR F 18 -20.23 -18.10 36.18
CA THR F 18 -20.88 -19.00 35.21
C THR F 18 -20.29 -18.90 33.78
N PHE F 19 -19.42 -17.89 33.51
CA PHE F 19 -18.82 -17.71 32.18
C PHE F 19 -17.94 -18.91 31.80
N PRO F 20 -17.90 -19.31 30.51
CA PRO F 20 -17.04 -20.45 30.15
C PRO F 20 -15.56 -20.11 30.28
N LYS F 21 -14.72 -21.13 30.51
CA LYS F 21 -13.27 -20.95 30.64
C LYS F 21 -12.63 -20.53 29.31
N ASN F 22 -11.77 -19.50 29.38
CA ASN F 22 -11.01 -18.98 28.24
C ASN F 22 -9.93 -19.97 27.83
N LYS F 23 -9.79 -20.17 26.51
CA LYS F 23 -8.76 -21.02 25.91
C LYS F 23 -7.48 -20.19 25.81
N VAL F 24 -7.65 -18.87 25.49
CA VAL F 24 -6.54 -17.92 25.34
C VAL F 24 -6.33 -17.13 26.63
N HIS F 25 -5.09 -16.68 26.83
CA HIS F 25 -4.75 -15.96 28.05
C HIS F 25 -4.30 -14.53 27.75
N TRP F 26 -5.15 -13.80 27.04
CA TRP F 26 -4.90 -12.41 26.67
C TRP F 26 -5.27 -11.47 27.80
N HIS F 27 -4.63 -10.30 27.81
CA HIS F 27 -4.91 -9.24 28.77
C HIS F 27 -4.95 -7.91 28.07
N VAL F 28 -5.94 -7.07 28.44
CA VAL F 28 -6.11 -5.74 27.90
C VAL F 28 -4.98 -4.83 28.40
N GLN F 29 -4.35 -4.11 27.46
CA GLN F 29 -3.32 -3.11 27.74
C GLN F 29 -3.86 -1.84 27.10
N ALA F 30 -4.10 -0.79 27.93
CA ALA F 30 -4.68 0.50 27.57
C ALA F 30 -4.07 1.18 26.32
N ASP F 31 -2.77 1.04 26.12
CA ASP F 31 -2.05 1.60 24.96
C ASP F 31 -2.35 0.84 23.64
N ARG F 32 -2.91 -0.37 23.79
CA ARG F 32 -3.21 -1.28 22.69
C ARG F 32 -4.70 -1.43 22.38
N ALA F 33 -5.61 -0.96 23.27
CA ALA F 33 -7.05 -1.21 23.22
C ALA F 33 -7.95 -0.09 22.70
N VAL F 34 -9.13 -0.51 22.20
CA VAL F 34 -10.25 0.32 21.74
C VAL F 34 -11.52 -0.25 22.38
N LEU F 35 -12.37 0.59 22.94
CA LEU F 35 -13.66 0.17 23.49
C LEU F 35 -14.74 0.38 22.43
N LEU F 36 -15.43 -0.70 22.06
CA LEU F 36 -16.51 -0.63 21.08
C LEU F 36 -17.87 -0.80 21.75
N ILE F 37 -18.67 0.26 21.71
CA ILE F 37 -20.04 0.25 22.24
C ILE F 37 -20.92 -0.05 21.03
N HIS F 38 -21.32 -1.31 20.92
CA HIS F 38 -22.01 -1.86 19.77
C HIS F 38 -23.54 -1.72 19.78
N ASP F 39 -24.04 -0.93 18.81
CA ASP F 39 -25.46 -0.72 18.51
C ASP F 39 -26.36 -0.40 19.74
N MET F 40 -25.87 0.49 20.63
CA MET F 40 -26.62 0.85 21.81
C MET F 40 -27.62 1.97 21.50
N GLN F 41 -28.39 1.76 20.43
CA GLN F 41 -29.39 2.68 19.92
C GLN F 41 -30.72 2.39 20.59
N LYS F 42 -31.53 3.44 20.78
CA LYS F 42 -32.85 3.35 21.41
C LYS F 42 -33.73 2.30 20.72
N TYR F 43 -33.66 2.22 19.38
CA TYR F 43 -34.40 1.26 18.59
C TYR F 43 -34.17 -0.18 19.05
N PHE F 44 -32.89 -0.59 19.22
CA PHE F 44 -32.54 -1.94 19.63
C PHE F 44 -32.86 -2.23 21.09
N ILE F 45 -32.66 -1.25 21.98
CA ILE F 45 -32.94 -1.41 23.42
C ILE F 45 -34.46 -1.42 23.69
N ASN F 46 -35.27 -0.84 22.77
CA ASN F 46 -36.74 -0.81 22.87
C ASN F 46 -37.38 -2.18 22.78
N PHE F 47 -36.67 -3.19 22.24
CA PHE F 47 -37.21 -4.54 22.12
C PHE F 47 -37.31 -5.24 23.49
N PHE F 48 -36.57 -4.72 24.49
CA PHE F 48 -36.57 -5.19 25.88
C PHE F 48 -37.45 -4.26 26.69
N ASP F 49 -37.84 -4.71 27.91
CA ASP F 49 -38.55 -3.87 28.86
C ASP F 49 -37.43 -3.14 29.63
N HIS F 50 -37.31 -1.83 29.41
CA HIS F 50 -36.29 -0.93 29.96
C HIS F 50 -36.12 -1.03 31.48
N SER F 51 -37.24 -1.08 32.21
CA SER F 51 -37.27 -1.15 33.67
C SER F 51 -37.02 -2.57 34.23
N GLN F 52 -36.66 -3.52 33.34
CA GLN F 52 -36.39 -4.91 33.70
C GLN F 52 -35.03 -5.42 33.18
N ALA F 53 -34.47 -6.42 33.88
CA ALA F 53 -33.21 -7.09 33.53
C ALA F 53 -33.31 -7.65 32.08
N PRO F 54 -32.23 -7.60 31.27
CA PRO F 54 -30.84 -7.21 31.58
C PRO F 54 -30.48 -5.73 31.40
N VAL F 55 -31.47 -4.86 31.05
CA VAL F 55 -31.26 -3.46 30.67
C VAL F 55 -30.59 -2.60 31.78
N PRO F 56 -31.08 -2.50 33.04
CA PRO F 56 -30.38 -1.63 34.02
C PRO F 56 -28.92 -2.02 34.29
N GLU F 57 -28.63 -3.32 34.41
CA GLU F 57 -27.27 -3.81 34.63
C GLU F 57 -26.40 -3.54 33.39
N LEU F 58 -26.95 -3.77 32.17
CA LEU F 58 -26.28 -3.55 30.90
C LEU F 58 -25.83 -2.08 30.77
N LEU F 59 -26.75 -1.14 31.04
CA LEU F 59 -26.46 0.30 30.96
C LEU F 59 -25.45 0.76 31.99
N ALA F 60 -25.56 0.26 33.24
CA ALA F 60 -24.64 0.62 34.32
C ALA F 60 -23.23 0.10 34.06
N ASN F 61 -23.10 -1.17 33.61
CA ASN F 61 -21.81 -1.78 33.30
C ASN F 61 -21.11 -1.13 32.10
N ILE F 62 -21.85 -0.78 31.03
CA ILE F 62 -21.27 -0.09 29.86
C ILE F 62 -20.81 1.33 30.29
N SER F 63 -21.64 2.04 31.06
CA SER F 63 -21.34 3.38 31.57
C SER F 63 -20.06 3.36 32.43
N GLU F 64 -19.92 2.38 33.33
CA GLU F 64 -18.72 2.24 34.18
C GLU F 64 -17.44 1.97 33.36
N LEU F 65 -17.54 1.05 32.37
CA LEU F 65 -16.46 0.66 31.48
C LEU F 65 -16.04 1.85 30.59
N LYS F 66 -17.02 2.61 30.06
CA LYS F 66 -16.77 3.79 29.23
C LYS F 66 -15.97 4.85 30.02
N SER F 67 -16.33 5.09 31.29
CA SER F 67 -15.64 6.02 32.20
C SER F 67 -14.18 5.61 32.39
N LEU F 68 -13.95 4.32 32.65
CA LEU F 68 -12.64 3.69 32.83
C LEU F 68 -11.76 3.88 31.57
N ALA F 69 -12.35 3.66 30.39
CA ALA F 69 -11.69 3.83 29.09
C ALA F 69 -11.22 5.25 28.89
N ARG F 70 -12.09 6.24 29.20
CA ARG F 70 -11.80 7.68 29.09
C ARG F 70 -10.64 8.08 30.01
N GLN F 71 -10.62 7.53 31.23
CA GLN F 71 -9.57 7.79 32.22
C GLN F 71 -8.22 7.22 31.77
N ALA F 72 -8.28 6.05 31.12
CA ALA F 72 -7.11 5.31 30.65
C ALA F 72 -6.62 5.73 29.27
N ASN F 73 -7.33 6.69 28.64
CA ASN F 73 -7.07 7.21 27.29
C ASN F 73 -7.27 6.14 26.21
N ILE F 74 -8.20 5.22 26.47
CA ILE F 74 -8.60 4.16 25.55
C ILE F 74 -9.70 4.75 24.65
N PRO F 75 -9.48 4.84 23.32
CA PRO F 75 -10.53 5.38 22.43
C PRO F 75 -11.87 4.66 22.57
N VAL F 76 -12.96 5.44 22.58
CA VAL F 76 -14.33 4.93 22.66
C VAL F 76 -14.96 5.09 21.27
N VAL F 77 -15.43 3.98 20.71
CA VAL F 77 -16.07 3.94 19.39
C VAL F 77 -17.50 3.41 19.54
N TYR F 78 -18.47 4.16 19.03
CA TYR F 78 -19.87 3.74 19.02
C TYR F 78 -20.21 3.31 17.58
N THR F 79 -21.07 2.29 17.45
CA THR F 79 -21.60 1.89 16.15
C THR F 79 -23.10 2.17 16.20
N ALA F 80 -23.64 2.61 15.07
CA ALA F 80 -25.05 2.89 14.94
C ALA F 80 -25.49 2.57 13.54
N GLN F 81 -26.49 1.70 13.44
CA GLN F 81 -27.09 1.31 12.17
C GLN F 81 -27.81 2.53 11.58
N PRO F 82 -27.71 2.78 10.27
CA PRO F 82 -28.35 3.99 9.72
C PRO F 82 -29.88 3.94 9.73
N PRO F 83 -30.58 5.10 9.88
CA PRO F 83 -32.05 5.07 9.73
C PRO F 83 -32.33 4.61 8.29
N ASN F 84 -33.32 3.71 8.09
CA ASN F 84 -33.67 3.15 6.77
C ASN F 84 -33.51 4.15 5.59
N GLN F 85 -32.89 3.68 4.48
CA GLN F 85 -32.65 4.44 3.26
C GLN F 85 -33.68 4.08 2.19
N ALA F 91 -28.71 -4.15 1.16
CA ALA F 91 -28.61 -5.34 0.35
C ALA F 91 -29.36 -6.57 0.95
N LEU F 92 -28.67 -7.72 1.15
CA LEU F 92 -29.23 -8.99 1.63
C LEU F 92 -29.82 -8.95 3.07
N LEU F 93 -29.53 -7.91 3.88
CA LEU F 93 -30.13 -7.74 5.21
C LEU F 93 -31.67 -7.63 5.13
N THR F 94 -32.18 -7.00 4.06
CA THR F 94 -33.63 -6.80 3.80
C THR F 94 -34.40 -8.15 3.75
N ASP F 95 -33.76 -9.19 3.22
CA ASP F 95 -34.29 -10.54 3.11
C ASP F 95 -34.55 -11.17 4.50
N PHE F 96 -33.74 -10.79 5.51
CA PHE F 96 -33.85 -11.25 6.90
C PHE F 96 -34.61 -10.33 7.85
N TRP F 97 -34.40 -8.99 7.73
CA TRP F 97 -34.93 -8.03 8.69
C TRP F 97 -35.91 -6.97 8.12
N GLY F 98 -36.26 -7.09 6.83
CA GLY F 98 -37.16 -6.18 6.14
C GLY F 98 -36.53 -4.80 5.98
N THR F 99 -37.30 -3.74 6.26
CA THR F 99 -36.74 -2.38 6.22
C THR F 99 -35.81 -2.15 7.43
N GLY F 100 -34.94 -1.15 7.31
CA GLY F 100 -34.01 -0.77 8.37
C GLY F 100 -34.70 -0.09 9.55
N LEU F 101 -33.93 0.65 10.36
CA LEU F 101 -34.42 1.35 11.54
C LEU F 101 -35.46 2.37 11.09
N THR F 102 -36.65 2.34 11.71
CA THR F 102 -37.79 3.20 11.36
C THR F 102 -37.93 4.41 12.30
N LYS F 103 -37.29 4.32 13.47
CA LYS F 103 -37.33 5.29 14.55
C LYS F 103 -36.11 5.06 15.45
N ASP F 104 -35.91 5.99 16.40
CA ASP F 104 -34.93 5.98 17.50
C ASP F 104 -33.52 5.41 17.15
N THR F 105 -32.83 6.08 16.22
CA THR F 105 -31.49 5.71 15.78
C THR F 105 -30.40 6.30 16.70
N GLU F 106 -30.79 7.24 17.59
CA GLU F 106 -29.87 7.85 18.57
C GLU F 106 -29.42 6.83 19.62
N ILE F 107 -28.25 7.05 20.20
CA ILE F 107 -27.68 6.25 21.28
C ILE F 107 -28.56 6.51 22.52
N VAL F 108 -28.83 5.45 23.33
CA VAL F 108 -29.59 5.58 24.59
C VAL F 108 -28.98 6.70 25.42
N SER F 109 -29.84 7.60 25.97
CA SER F 109 -29.43 8.79 26.72
C SER F 109 -28.41 8.53 27.85
N GLU F 110 -28.49 7.35 28.50
CA GLU F 110 -27.59 6.89 29.57
C GLU F 110 -26.15 6.74 29.05
N LEU F 111 -25.99 6.46 27.74
CA LEU F 111 -24.70 6.24 27.09
C LEU F 111 -24.37 7.26 25.98
N SER F 112 -25.00 8.45 26.03
CA SER F 112 -24.79 9.52 25.04
C SER F 112 -23.29 9.82 24.83
N PRO F 113 -22.78 9.81 23.57
CA PRO F 113 -21.35 10.09 23.35
C PRO F 113 -20.93 11.47 23.84
N GLU F 114 -19.71 11.56 24.42
CA GLU F 114 -19.10 12.78 24.94
C GLU F 114 -17.99 13.26 23.97
N ASP F 115 -17.40 14.45 24.23
CA ASP F 115 -16.33 15.04 23.43
C ASP F 115 -15.12 14.10 23.33
N GLY F 116 -14.75 13.75 22.11
CA GLY F 116 -13.64 12.84 21.87
C GLY F 116 -14.05 11.47 21.41
N ASP F 117 -15.28 11.05 21.75
CA ASP F 117 -15.85 9.76 21.33
C ASP F 117 -16.16 9.78 19.83
N ILE F 118 -15.95 8.64 19.15
CA ILE F 118 -16.17 8.48 17.71
C ILE F 118 -17.40 7.62 17.45
N GLN F 119 -18.18 7.97 16.43
CA GLN F 119 -19.35 7.19 16.02
C GLN F 119 -19.19 6.80 14.58
N TYR F 120 -19.34 5.50 14.29
CA TYR F 120 -19.29 5.03 12.91
C TYR F 120 -20.65 4.50 12.51
N THR F 121 -21.05 4.76 11.27
CA THR F 121 -22.29 4.23 10.72
C THR F 121 -22.02 2.73 10.47
N LYS F 122 -22.83 1.84 11.07
CA LYS F 122 -22.65 0.40 10.90
C LYS F 122 -23.60 -0.14 9.81
N TRP F 123 -23.01 -0.68 8.73
CA TRP F 123 -23.71 -1.18 7.54
C TRP F 123 -24.05 -2.67 7.57
N ARG F 124 -23.26 -3.47 8.30
CA ARG F 124 -23.38 -4.93 8.38
C ARG F 124 -23.27 -5.38 9.84
N TYR F 125 -23.49 -6.69 10.12
CA TYR F 125 -23.34 -7.26 11.47
C TYR F 125 -21.96 -6.90 12.08
N SER F 126 -20.91 -6.95 11.26
CA SER F 126 -19.54 -6.65 11.66
C SER F 126 -19.20 -5.16 11.60
N ALA F 127 -18.68 -4.62 12.72
CA ALA F 127 -18.29 -3.23 12.87
C ALA F 127 -17.10 -2.80 11.96
N PHE F 128 -16.38 -3.79 11.35
CA PHE F 128 -15.27 -3.58 10.41
C PHE F 128 -15.75 -3.42 8.96
N LYS F 129 -16.96 -3.94 8.59
CA LYS F 129 -17.44 -3.83 7.21
C LYS F 129 -17.88 -2.43 6.82
N LYS F 130 -17.18 -1.85 5.81
CA LYS F 130 -17.43 -0.52 5.23
C LYS F 130 -17.30 0.62 6.26
N THR F 131 -16.32 0.51 7.15
CA THR F 131 -16.06 1.51 8.19
C THR F 131 -14.54 1.75 8.25
N PRO F 132 -14.05 2.89 8.77
CA PRO F 132 -12.57 3.09 8.86
C PRO F 132 -11.89 2.43 10.08
N LEU F 133 -12.63 1.60 10.85
CA LEU F 133 -12.19 0.98 12.09
C LEU F 133 -10.82 0.26 12.00
N LEU F 134 -10.60 -0.63 10.99
CA LEU F 134 -9.32 -1.33 10.84
C LEU F 134 -8.17 -0.37 10.52
N GLU F 135 -8.42 0.61 9.63
CA GLU F 135 -7.40 1.58 9.20
C GLU F 135 -6.95 2.44 10.38
N ARG F 136 -7.92 2.87 11.24
CA ARG F 136 -7.62 3.66 12.44
C ARG F 136 -6.85 2.82 13.45
N MET F 137 -7.30 1.56 13.66
CA MET F 137 -6.64 0.64 14.58
C MET F 137 -5.18 0.38 14.13
N LYS F 138 -4.96 0.19 12.81
CA LYS F 138 -3.64 -0.01 12.20
C LYS F 138 -2.76 1.24 12.36
N GLU F 139 -3.33 2.43 12.05
CA GLU F 139 -2.59 3.71 12.16
C GLU F 139 -2.20 4.07 13.60
N THR F 140 -3.12 3.87 14.57
CA THR F 140 -2.83 4.15 15.98
C THR F 140 -2.09 2.98 16.66
N GLN F 141 -1.81 1.89 15.92
CA GLN F 141 -1.16 0.66 16.41
C GLN F 141 -1.94 0.06 17.61
N ARG F 142 -3.26 -0.05 17.46
CA ARG F 142 -4.16 -0.62 18.46
C ARG F 142 -4.70 -1.94 17.92
N ASP F 143 -4.46 -3.04 18.65
CA ASP F 143 -4.81 -4.39 18.19
C ASP F 143 -5.69 -5.20 19.16
N GLN F 144 -6.42 -4.50 20.02
CA GLN F 144 -7.31 -5.13 21.01
C GLN F 144 -8.65 -4.41 20.98
N LEU F 145 -9.75 -5.18 20.85
CA LEU F 145 -11.10 -4.62 20.78
C LEU F 145 -11.97 -5.13 21.92
N ILE F 146 -12.36 -4.21 22.82
CA ILE F 146 -13.23 -4.53 23.96
C ILE F 146 -14.64 -4.31 23.42
N ILE F 147 -15.45 -5.38 23.39
CA ILE F 147 -16.79 -5.33 22.81
C ILE F 147 -17.89 -5.44 23.86
N VAL F 148 -18.78 -4.44 23.86
CA VAL F 148 -19.94 -4.33 24.73
C VAL F 148 -21.16 -3.96 23.85
N GLY F 149 -22.37 -4.17 24.36
CA GLY F 149 -23.60 -3.80 23.64
C GLY F 149 -24.52 -4.94 23.27
N VAL F 150 -25.31 -4.75 22.20
CA VAL F 150 -26.31 -5.73 21.74
C VAL F 150 -26.18 -6.00 20.22
N TYR F 151 -26.57 -7.18 19.67
CA TYR F 151 -27.00 -8.39 20.39
C TYR F 151 -25.85 -9.35 20.34
N ALA F 152 -25.59 -10.04 21.46
CA ALA F 152 -24.47 -10.97 21.58
C ALA F 152 -24.29 -11.92 20.36
N HIS F 153 -25.31 -12.71 19.99
CA HIS F 153 -25.15 -13.70 18.92
C HIS F 153 -25.15 -13.15 17.48
N ILE F 154 -25.48 -11.87 17.27
CA ILE F 154 -25.51 -11.33 15.90
C ILE F 154 -24.32 -10.40 15.65
N GLY F 155 -24.49 -9.10 15.89
CA GLY F 155 -23.48 -8.08 15.66
C GLY F 155 -22.25 -8.22 16.53
N ILE F 156 -22.40 -8.55 17.84
CA ILE F 156 -21.26 -8.73 18.75
C ILE F 156 -20.41 -9.87 18.22
N LEU F 157 -21.06 -11.01 17.93
CA LEU F 157 -20.36 -12.20 17.43
C LEU F 157 -19.61 -11.94 16.11
N SER F 158 -20.31 -11.34 15.10
CA SER F 158 -19.69 -11.07 13.80
C SER F 158 -18.51 -10.12 13.89
N THR F 159 -18.61 -9.08 14.72
CA THR F 159 -17.52 -8.11 14.90
C THR F 159 -16.28 -8.80 15.53
N ALA F 160 -16.52 -9.69 16.52
CA ALA F 160 -15.47 -10.42 17.23
C ALA F 160 -14.75 -11.35 16.25
N LEU F 161 -15.56 -12.04 15.40
CA LEU F 161 -15.05 -12.93 14.38
C LEU F 161 -14.15 -12.19 13.38
N ASP F 162 -14.58 -11.00 12.97
CA ASP F 162 -13.85 -10.17 12.03
C ASP F 162 -12.56 -9.61 12.66
N ALA F 163 -12.61 -9.12 13.93
CA ALA F 163 -11.42 -8.65 14.66
C ALA F 163 -10.37 -9.77 14.66
N PHE F 164 -10.76 -10.96 15.14
CA PHE F 164 -9.89 -12.12 15.22
C PHE F 164 -9.17 -12.41 13.90
N MET F 165 -9.92 -12.50 12.80
CA MET F 165 -9.39 -12.80 11.47
C MET F 165 -8.53 -11.65 10.94
N LEU F 166 -8.79 -10.42 11.40
CA LEU F 166 -8.03 -9.21 11.02
C LEU F 166 -6.86 -8.92 11.99
N ASP F 167 -6.50 -9.91 12.83
CA ASP F 167 -5.38 -9.87 13.77
C ASP F 167 -5.59 -8.91 14.95
N ILE F 168 -6.86 -8.64 15.26
CA ILE F 168 -7.26 -7.80 16.38
C ILE F 168 -7.80 -8.77 17.44
N GLN F 169 -7.26 -8.70 18.66
CA GLN F 169 -7.71 -9.55 19.77
C GLN F 169 -9.10 -9.09 20.29
N PRO F 170 -10.19 -9.88 20.10
CA PRO F 170 -11.49 -9.47 20.64
C PRO F 170 -11.69 -9.86 22.10
N PHE F 171 -12.20 -8.91 22.91
CA PHE F 171 -12.51 -9.11 24.33
C PHE F 171 -14.00 -8.84 24.51
N VAL F 172 -14.81 -9.89 24.53
CA VAL F 172 -16.24 -9.74 24.72
C VAL F 172 -16.55 -9.70 26.21
N VAL F 173 -17.15 -8.59 26.69
CA VAL F 173 -17.47 -8.45 28.11
C VAL F 173 -18.82 -9.11 28.36
N GLY F 174 -18.76 -10.34 28.90
CA GLY F 174 -19.92 -11.19 29.16
C GLY F 174 -21.03 -10.54 29.97
N ASP F 175 -20.66 -9.65 30.91
CA ASP F 175 -21.66 -8.96 31.73
C ASP F 175 -21.95 -7.52 31.24
N ALA F 176 -21.46 -7.16 30.05
CA ALA F 176 -21.76 -5.85 29.43
C ALA F 176 -22.31 -6.04 28.01
N VAL F 177 -22.93 -7.22 27.77
CA VAL F 177 -23.62 -7.58 26.52
C VAL F 177 -25.02 -8.10 26.87
N ALA F 178 -25.96 -8.06 25.92
CA ALA F 178 -27.30 -8.60 26.10
C ALA F 178 -27.73 -9.25 24.78
N ASP F 179 -28.72 -10.15 24.84
CA ASP F 179 -29.14 -10.89 23.66
C ASP F 179 -30.63 -11.12 23.65
N PHE F 180 -31.14 -11.90 22.66
CA PHE F 180 -32.56 -12.25 22.50
C PHE F 180 -33.03 -13.14 23.66
N SER F 181 -32.10 -13.86 24.32
CA SER F 181 -32.38 -14.72 25.49
C SER F 181 -31.10 -15.01 26.27
N LEU F 182 -31.23 -15.65 27.45
CA LEU F 182 -30.11 -16.08 28.28
C LEU F 182 -29.38 -17.23 27.61
N GLU F 183 -30.15 -18.10 26.93
CA GLU F 183 -29.65 -19.26 26.18
C GLU F 183 -28.72 -18.77 25.05
N ASP F 184 -29.17 -17.76 24.25
CA ASP F 184 -28.40 -17.17 23.15
C ASP F 184 -27.17 -16.44 23.68
N HIS F 185 -27.30 -15.77 24.86
CA HIS F 185 -26.24 -15.04 25.56
C HIS F 185 -25.12 -16.02 25.95
N HIS F 186 -25.48 -17.13 26.64
CA HIS F 186 -24.53 -18.16 27.05
C HIS F 186 -23.84 -18.87 25.88
N HIS F 187 -24.61 -19.24 24.83
CA HIS F 187 -24.09 -19.92 23.64
C HIS F 187 -23.05 -19.04 22.93
N THR F 188 -23.28 -17.71 22.84
CA THR F 188 -22.33 -16.77 22.22
C THR F 188 -21.00 -16.76 22.98
N LEU F 189 -21.05 -16.64 24.33
CA LEU F 189 -19.85 -16.61 25.18
C LEU F 189 -19.06 -17.88 25.00
N LYS F 190 -19.75 -19.05 24.96
CA LYS F 190 -19.13 -20.35 24.75
C LYS F 190 -18.42 -20.40 23.39
N TYR F 191 -19.10 -19.92 22.33
CA TYR F 191 -18.53 -19.87 20.98
C TYR F 191 -17.26 -18.99 20.95
N ILE F 192 -17.31 -17.79 21.60
CA ILE F 192 -16.17 -16.87 21.68
C ILE F 192 -14.94 -17.53 22.32
N THR F 193 -15.10 -18.06 23.56
CA THR F 193 -14.02 -18.70 24.32
C THR F 193 -13.37 -19.85 23.57
N GLU F 194 -14.19 -20.61 22.84
CA GLU F 194 -13.75 -21.79 22.10
C GLU F 194 -13.09 -21.50 20.76
N ARG F 195 -13.53 -20.46 20.03
CA ARG F 195 -13.08 -20.25 18.65
C ARG F 195 -12.63 -18.86 18.24
N VAL F 196 -12.97 -17.82 19.02
CA VAL F 196 -12.77 -16.45 18.57
C VAL F 196 -11.84 -15.60 19.42
N GLY F 197 -12.08 -15.56 20.73
CA GLY F 197 -11.26 -14.72 21.59
C GLY F 197 -11.50 -14.89 23.06
N CYS F 198 -11.43 -13.77 23.76
CA CYS F 198 -11.55 -13.70 25.21
C CYS F 198 -12.92 -13.23 25.67
N VAL F 199 -13.52 -13.97 26.64
CA VAL F 199 -14.74 -13.57 27.32
C VAL F 199 -14.28 -13.08 28.68
N THR F 200 -14.48 -11.79 28.93
CA THR F 200 -14.08 -11.16 30.18
C THR F 200 -15.30 -10.60 30.91
N SER F 201 -15.09 -10.02 32.08
CA SER F 201 -16.12 -9.42 32.91
C SER F 201 -15.68 -8.02 33.28
N LEU F 202 -16.62 -7.20 33.73
CA LEU F 202 -16.36 -5.84 34.18
C LEU F 202 -15.30 -5.85 35.34
N GLU F 203 -15.49 -6.70 36.37
CA GLU F 203 -14.57 -6.80 37.50
C GLU F 203 -13.14 -7.16 37.11
N ALA F 204 -12.96 -8.09 36.16
CA ALA F 204 -11.65 -8.52 35.67
C ALA F 204 -10.99 -7.46 34.78
N LEU F 205 -11.82 -6.66 34.10
CA LEU F 205 -11.36 -5.62 33.18
C LEU F 205 -10.86 -4.35 33.88
N LYS F 206 -11.44 -4.03 35.06
CA LYS F 206 -11.09 -2.87 35.89
C LYS F 206 -9.57 -2.73 36.14
N PRO F 207 -8.84 -3.75 36.69
CA PRO F 207 -7.39 -3.58 36.91
C PRO F 207 -6.54 -3.56 35.64
N GLN F 208 -6.99 -4.25 34.57
CA GLN F 208 -6.31 -4.32 33.28
C GLN F 208 -6.25 -2.96 32.58
N MET F 209 -7.29 -2.14 32.79
CA MET F 209 -7.37 -0.84 32.14
C MET F 209 -6.54 0.24 32.84
N ILE F 210 -5.99 -0.04 34.04
CA ILE F 210 -5.13 0.93 34.74
C ILE F 210 -3.76 0.29 35.02
#